data_4TR6
#
_entry.id   4TR6
#
_cell.length_a   43.220
_cell.length_b   68.330
_cell.length_c   85.310
_cell.angle_alpha   65.77
_cell.angle_beta   82.84
_cell.angle_gamma   86.79
#
_symmetry.space_group_name_H-M   'P 1'
#
loop_
_entity.id
_entity.type
_entity.pdbx_description
1 polymer 'DNA polymerase III subunit beta'
2 non-polymer 'SODIUM ION'
3 water water
#
_entity_poly.entity_id   1
_entity_poly.type   'polypeptide(L)'
_entity_poly.pdbx_seq_one_letter_code
;SHMKFTIQKDRLVESVQDVLKAVSSRTTIPILTGIKIVASDDGVSFTGSDSDISIESFIPKEEGDKEIVTIEQPGSIVLQ
ARFFSEIVKKLPMATVEIEVQNQYLTIIRSGKAEFNLNGLDADEYPHLPQIEEHHAIQIPTDLLKNLIRQTVFAVSTSET
RPILTGVNWKVEQSELLCTATDSHRLALRKAKLDIPEDRSYNVVIPGKSLTELSKILDDNQELVDIVITETQVLFKAKNV
LFFSRLLDGNYPDTTSLIPQDSKTEIIVNTKEFLQAIDRASLLAREGRNNVVKLSAKPAESIEISSNSPEIGKVVEAIVA
DQIEGEELNISFSPKYMLDALKVLEGAEIRVSFTGAMRPFLIRTPNDETIVQLILPVRTY
;
_entity_poly.pdbx_strand_id   A,B
#
loop_
_chem_comp.id
_chem_comp.type
_chem_comp.name
_chem_comp.formula
NA non-polymer 'SODIUM ION' 'Na 1'
#
# COMPACT_ATOMS: atom_id res chain seq x y z
N SER A 1 -19.96 -20.59 -34.71
CA SER A 1 -20.01 -19.27 -34.09
C SER A 1 -18.78 -19.02 -33.22
N HIS A 2 -17.72 -18.54 -33.84
CA HIS A 2 -16.50 -18.17 -33.10
C HIS A 2 -16.42 -16.63 -33.01
N MET A 3 -16.50 -16.11 -31.81
CA MET A 3 -16.44 -14.67 -31.51
C MET A 3 -15.20 -13.99 -32.06
N LYS A 4 -15.37 -12.80 -32.65
CA LYS A 4 -14.28 -11.99 -33.17
C LYS A 4 -14.63 -10.51 -33.17
N PHE A 5 -13.82 -9.68 -32.48
CA PHE A 5 -14.01 -8.24 -32.50
C PHE A 5 -12.73 -7.47 -32.24
N THR A 6 -12.74 -6.17 -32.57
CA THR A 6 -11.65 -5.22 -32.34
C THR A 6 -12.21 -4.18 -31.41
N ILE A 7 -11.48 -3.81 -30.35
CA ILE A 7 -11.96 -2.87 -29.35
C ILE A 7 -10.86 -1.92 -28.87
N GLN A 8 -11.30 -0.80 -28.34
CA GLN A 8 -10.41 0.17 -27.75
C GLN A 8 -9.92 -0.36 -26.41
N LYS A 9 -8.60 -0.40 -26.21
CA LYS A 9 -8.02 -0.87 -24.96
C LYS A 9 -8.56 -0.17 -23.70
N ASP A 10 -8.62 1.17 -23.71
CA ASP A 10 -9.05 1.91 -22.53
C ASP A 10 -10.39 1.45 -22.01
N ARG A 11 -11.38 1.27 -22.91
CA ARG A 11 -12.72 0.83 -22.49
C ARG A 11 -12.74 -0.64 -22.08
N LEU A 12 -12.01 -1.47 -22.81
CA LEU A 12 -11.89 -2.89 -22.45
C LEU A 12 -11.35 -3.04 -21.03
N VAL A 13 -10.25 -2.32 -20.73
CA VAL A 13 -9.66 -2.40 -19.40
C VAL A 13 -10.66 -1.93 -18.32
N GLU A 14 -11.36 -0.82 -18.57
CA GLU A 14 -12.31 -0.30 -17.59
C GLU A 14 -13.40 -1.32 -17.27
N SER A 15 -13.99 -1.94 -18.32
CA SER A 15 -15.02 -2.96 -18.10
C SER A 15 -14.49 -4.18 -17.37
N VAL A 16 -13.31 -4.65 -17.74
CA VAL A 16 -12.75 -5.82 -17.10
C VAL A 16 -12.48 -5.59 -15.60
N GLN A 17 -11.93 -4.44 -15.27
CA GLN A 17 -11.62 -4.11 -13.88
C GLN A 17 -12.90 -3.92 -13.05
N ASP A 18 -13.99 -3.48 -13.67
CA ASP A 18 -15.25 -3.37 -12.96
C ASP A 18 -15.78 -4.77 -12.63
N VAL A 19 -15.85 -5.68 -13.64
CA VAL A 19 -16.42 -7.00 -13.37
C VAL A 19 -15.51 -7.89 -12.54
N LEU A 20 -14.20 -7.61 -12.52
CA LEU A 20 -13.23 -8.41 -11.76
C LEU A 20 -13.60 -8.41 -10.26
N LYS A 21 -14.24 -7.34 -9.80
CA LYS A 21 -14.68 -7.23 -8.39
C LYS A 21 -15.67 -8.30 -7.95
N ALA A 22 -16.37 -8.92 -8.88
CA ALA A 22 -17.31 -9.97 -8.59
C ALA A 22 -16.70 -11.33 -8.71
N VAL A 23 -15.41 -11.43 -9.09
CA VAL A 23 -14.77 -12.73 -9.25
C VAL A 23 -13.97 -13.00 -7.98
N SER A 24 -14.25 -14.12 -7.32
CA SER A 24 -13.57 -14.53 -6.08
C SER A 24 -12.60 -15.66 -6.42
N SER A 25 -11.40 -15.67 -5.80
CA SER A 25 -10.43 -16.73 -6.01
C SER A 25 -10.99 -18.05 -5.42
N ARG A 26 -11.55 -17.97 -4.20
CA ARG A 26 -12.19 -19.13 -3.54
C ARG A 26 -13.58 -19.32 -4.17
N THR A 27 -13.76 -20.37 -4.98
CA THR A 27 -15.05 -20.63 -5.68
C THR A 27 -15.32 -22.12 -5.85
N THR A 28 -16.53 -22.58 -5.44
CA THR A 28 -16.95 -23.98 -5.57
C THR A 28 -17.38 -24.32 -7.00
N ILE A 29 -17.75 -23.30 -7.82
CA ILE A 29 -18.14 -23.48 -9.22
C ILE A 29 -16.91 -23.06 -10.05
N PRO A 30 -16.14 -24.00 -10.65
CA PRO A 30 -14.92 -23.60 -11.38
C PRO A 30 -15.05 -22.54 -12.46
N ILE A 31 -16.16 -22.53 -13.24
CA ILE A 31 -16.35 -21.56 -14.32
C ILE A 31 -16.46 -20.12 -13.81
N LEU A 32 -16.73 -19.92 -12.50
CA LEU A 32 -16.81 -18.58 -11.93
C LEU A 32 -15.48 -17.93 -11.71
N THR A 33 -14.34 -18.61 -12.00
CA THR A 33 -13.05 -17.94 -11.99
C THR A 33 -12.85 -17.21 -13.34
N GLY A 34 -13.82 -17.33 -14.27
CA GLY A 34 -13.73 -16.68 -15.56
C GLY A 34 -14.63 -15.48 -15.71
N ILE A 35 -14.35 -14.71 -16.76
CA ILE A 35 -15.16 -13.58 -17.20
C ILE A 35 -15.84 -14.02 -18.50
N LYS A 36 -17.14 -13.85 -18.57
CA LYS A 36 -17.93 -14.14 -19.77
C LYS A 36 -17.94 -12.91 -20.63
N ILE A 37 -17.57 -13.09 -21.90
CA ILE A 37 -17.56 -12.02 -22.89
C ILE A 37 -18.61 -12.41 -23.94
N VAL A 38 -19.48 -11.47 -24.30
CA VAL A 38 -20.54 -11.70 -25.31
C VAL A 38 -20.52 -10.56 -26.28
N ALA A 39 -20.18 -10.81 -27.55
CA ALA A 39 -20.19 -9.78 -28.57
C ALA A 39 -21.47 -9.96 -29.37
N SER A 40 -22.25 -8.91 -29.47
CA SER A 40 -23.51 -8.89 -30.24
C SER A 40 -23.39 -7.80 -31.31
N ASP A 41 -24.44 -7.57 -32.10
CA ASP A 41 -24.38 -6.53 -33.13
C ASP A 41 -24.30 -5.12 -32.50
N ASP A 42 -24.78 -4.96 -31.26
CA ASP A 42 -24.80 -3.68 -30.55
C ASP A 42 -23.54 -3.34 -29.72
N GLY A 43 -22.72 -4.33 -29.39
CA GLY A 43 -21.57 -4.07 -28.54
C GLY A 43 -21.09 -5.32 -27.87
N VAL A 44 -20.29 -5.18 -26.79
CA VAL A 44 -19.75 -6.32 -26.07
C VAL A 44 -20.04 -6.19 -24.59
N SER A 45 -20.53 -7.27 -23.97
CA SER A 45 -20.73 -7.32 -22.51
C SER A 45 -19.68 -8.21 -21.88
N PHE A 46 -19.33 -7.88 -20.61
CA PHE A 46 -18.39 -8.61 -19.79
C PHE A 46 -19.13 -8.91 -18.50
N THR A 47 -19.09 -10.17 -18.04
CA THR A 47 -19.77 -10.58 -16.80
C THR A 47 -18.80 -11.30 -15.86
N GLY A 48 -18.87 -10.92 -14.59
CA GLY A 48 -18.14 -11.57 -13.52
C GLY A 48 -19.14 -11.85 -12.43
N SER A 49 -19.00 -12.99 -11.74
CA SER A 49 -19.91 -13.37 -10.65
C SER A 49 -19.22 -14.28 -9.62
N ASP A 50 -19.72 -14.25 -8.36
CA ASP A 50 -19.28 -15.18 -7.30
C ASP A 50 -20.53 -15.87 -6.71
N SER A 51 -21.65 -15.86 -7.44
CA SER A 51 -22.96 -16.39 -7.05
C SER A 51 -23.71 -15.38 -6.19
N ASP A 52 -23.03 -14.72 -5.20
CA ASP A 52 -23.65 -13.66 -4.35
C ASP A 52 -23.81 -12.37 -5.14
N ILE A 53 -22.72 -11.87 -5.78
CA ILE A 53 -22.83 -10.69 -6.63
C ILE A 53 -22.56 -11.07 -8.07
N SER A 54 -23.18 -10.36 -9.00
CA SER A 54 -22.92 -10.49 -10.43
C SER A 54 -22.80 -9.08 -10.99
N ILE A 55 -21.80 -8.83 -11.82
CA ILE A 55 -21.59 -7.54 -12.44
C ILE A 55 -21.54 -7.73 -13.94
N GLU A 56 -22.38 -7.02 -14.69
CA GLU A 56 -22.32 -7.06 -16.16
C GLU A 56 -22.01 -5.64 -16.66
N SER A 57 -20.92 -5.48 -17.39
CA SER A 57 -20.51 -4.18 -17.94
C SER A 57 -20.64 -4.25 -19.46
N PHE A 58 -21.27 -3.28 -20.07
CA PHE A 58 -21.47 -3.24 -21.51
C PHE A 58 -20.69 -2.15 -22.19
N ILE A 59 -20.08 -2.47 -23.32
CA ILE A 59 -19.40 -1.48 -24.15
C ILE A 59 -20.16 -1.35 -25.45
N PRO A 60 -20.83 -0.22 -25.71
CA PRO A 60 -21.53 -0.05 -26.99
C PRO A 60 -20.54 0.03 -28.16
N LYS A 61 -20.93 -0.40 -29.37
CA LYS A 61 -20.02 -0.29 -30.52
C LYS A 61 -19.64 1.14 -30.87
N GLU A 62 -20.54 2.09 -30.61
CA GLU A 62 -20.36 3.50 -30.90
C GLU A 62 -20.90 4.29 -29.73
N GLU A 63 -20.14 5.29 -29.31
CA GLU A 63 -20.56 6.14 -28.20
C GLU A 63 -20.02 7.53 -28.47
N GLY A 64 -20.92 8.49 -28.33
CA GLY A 64 -20.66 9.87 -28.67
C GLY A 64 -20.73 9.93 -30.18
N ASP A 65 -19.57 10.01 -30.81
CA ASP A 65 -19.36 10.03 -32.26
C ASP A 65 -18.07 9.26 -32.61
N LYS A 66 -17.71 8.29 -31.78
CA LYS A 66 -16.49 7.51 -31.98
C LYS A 66 -16.83 6.02 -32.02
N GLU A 67 -16.22 5.27 -32.94
CA GLU A 67 -16.37 3.83 -33.06
C GLU A 67 -15.43 3.21 -32.00
N ILE A 68 -15.99 2.54 -30.98
CA ILE A 68 -15.31 1.93 -29.84
C ILE A 68 -15.04 0.45 -30.08
N VAL A 69 -15.97 -0.26 -30.72
CA VAL A 69 -15.88 -1.67 -31.03
C VAL A 69 -16.27 -1.91 -32.47
N THR A 70 -15.59 -2.84 -33.14
CA THR A 70 -15.96 -3.32 -34.45
C THR A 70 -16.15 -4.81 -34.27
N ILE A 71 -17.39 -5.33 -34.41
CA ILE A 71 -17.69 -6.77 -34.24
C ILE A 71 -17.69 -7.46 -35.60
N GLU A 72 -16.68 -8.30 -35.86
CA GLU A 72 -16.60 -9.03 -37.13
C GLU A 72 -17.49 -10.28 -37.07
N GLN A 73 -17.54 -10.94 -35.91
CA GLN A 73 -18.39 -12.10 -35.71
C GLN A 73 -18.96 -12.09 -34.31
N PRO A 74 -20.28 -11.94 -34.14
CA PRO A 74 -20.87 -12.09 -32.80
C PRO A 74 -20.60 -13.48 -32.24
N GLY A 75 -20.51 -13.57 -30.93
CA GLY A 75 -20.23 -14.83 -30.26
C GLY A 75 -19.84 -14.61 -28.81
N SER A 76 -19.54 -15.68 -28.12
CA SER A 76 -19.18 -15.60 -26.70
C SER A 76 -18.08 -16.56 -26.30
N ILE A 77 -17.49 -16.27 -25.11
CA ILE A 77 -16.44 -17.11 -24.57
C ILE A 77 -16.28 -16.77 -23.12
N VAL A 78 -15.69 -17.69 -22.36
CA VAL A 78 -15.29 -17.42 -20.98
C VAL A 78 -13.76 -17.52 -20.93
N LEU A 79 -13.10 -16.47 -20.40
CA LEU A 79 -11.66 -16.44 -20.19
C LEU A 79 -11.32 -16.35 -18.72
N GLN A 80 -10.20 -16.95 -18.28
CA GLN A 80 -9.82 -16.84 -16.86
C GLN A 80 -9.66 -15.38 -16.50
N ALA A 81 -10.38 -14.92 -15.46
CA ALA A 81 -10.44 -13.49 -15.13
C ALA A 81 -9.12 -12.82 -14.79
N ARG A 82 -8.35 -13.43 -13.90
CA ARG A 82 -7.10 -12.82 -13.42
C ARG A 82 -6.10 -12.69 -14.55
N PHE A 83 -5.91 -13.74 -15.35
CA PHE A 83 -5.00 -13.66 -16.48
C PHE A 83 -5.47 -12.65 -17.49
N PHE A 84 -6.76 -12.68 -17.84
CA PHE A 84 -7.28 -11.74 -18.83
C PHE A 84 -7.07 -10.29 -18.37
N SER A 85 -7.38 -10.04 -17.10
CA SER A 85 -7.22 -8.71 -16.51
C SER A 85 -5.77 -8.26 -16.55
N GLU A 86 -4.84 -9.14 -16.18
CA GLU A 86 -3.43 -8.77 -16.19
C GLU A 86 -2.94 -8.52 -17.59
N ILE A 87 -3.43 -9.28 -18.58
CA ILE A 87 -3.05 -9.11 -19.97
C ILE A 87 -3.55 -7.78 -20.51
N VAL A 88 -4.87 -7.50 -20.37
CA VAL A 88 -5.42 -6.31 -21.01
C VAL A 88 -4.79 -5.00 -20.57
N LYS A 89 -4.43 -4.89 -19.30
CA LYS A 89 -3.76 -3.70 -18.76
C LYS A 89 -2.43 -3.41 -19.46
N LYS A 90 -1.72 -4.45 -19.92
CA LYS A 90 -0.38 -4.31 -20.50
C LYS A 90 -0.30 -4.33 -22.01
N LEU A 91 -1.44 -4.36 -22.72
CA LEU A 91 -1.37 -4.42 -24.17
C LEU A 91 -0.77 -3.14 -24.75
N PRO A 92 0.10 -3.27 -25.76
CA PRO A 92 0.89 -2.12 -26.22
C PRO A 92 0.22 -1.00 -27.00
N MET A 93 -0.88 -1.29 -27.73
CA MET A 93 -1.53 -0.32 -28.57
C MET A 93 -2.92 0.02 -28.08
N ALA A 94 -3.47 1.11 -28.62
CA ALA A 94 -4.82 1.57 -28.24
C ALA A 94 -5.91 0.62 -28.74
N THR A 95 -5.60 -0.19 -29.76
CA THR A 95 -6.50 -1.15 -30.40
C THR A 95 -6.14 -2.59 -29.97
N VAL A 96 -7.17 -3.39 -29.70
CA VAL A 96 -7.06 -4.79 -29.30
C VAL A 96 -7.97 -5.66 -30.16
N GLU A 97 -7.45 -6.79 -30.65
CA GLU A 97 -8.24 -7.77 -31.38
C GLU A 97 -8.43 -9.00 -30.51
N ILE A 98 -9.68 -9.47 -30.37
CA ILE A 98 -10.00 -10.68 -29.62
C ILE A 98 -10.68 -11.62 -30.59
N GLU A 99 -10.16 -12.84 -30.72
CA GLU A 99 -10.68 -13.82 -31.67
C GLU A 99 -10.68 -15.22 -31.11
N VAL A 100 -11.85 -15.86 -31.05
CA VAL A 100 -11.94 -17.26 -30.65
C VAL A 100 -11.71 -18.12 -31.88
N GLN A 101 -10.97 -19.21 -31.75
CA GLN A 101 -10.70 -20.17 -32.85
C GLN A 101 -11.31 -21.54 -32.44
N ASN A 102 -10.70 -22.68 -32.75
CA ASN A 102 -11.31 -23.98 -32.41
C ASN A 102 -10.95 -24.41 -30.99
N GLN A 103 -11.77 -25.30 -30.40
CA GLN A 103 -11.61 -25.84 -29.05
C GLN A 103 -11.44 -24.71 -28.00
N TYR A 104 -12.14 -23.59 -28.23
CA TYR A 104 -12.19 -22.42 -27.32
C TYR A 104 -10.84 -21.68 -27.14
N LEU A 105 -9.84 -21.93 -27.98
CA LEU A 105 -8.57 -21.21 -27.91
C LEU A 105 -8.83 -19.79 -28.39
N THR A 106 -8.48 -18.79 -27.54
CA THR A 106 -8.78 -17.41 -27.85
C THR A 106 -7.52 -16.62 -28.00
N ILE A 107 -7.46 -15.83 -29.06
CA ILE A 107 -6.33 -14.99 -29.42
C ILE A 107 -6.60 -13.56 -28.96
N ILE A 108 -5.65 -12.93 -28.25
CA ILE A 108 -5.73 -11.54 -27.85
C ILE A 108 -4.49 -10.87 -28.46
N ARG A 109 -4.70 -9.96 -29.43
CA ARG A 109 -3.62 -9.28 -30.14
C ARG A 109 -3.68 -7.78 -29.97
N SER A 110 -2.52 -7.17 -29.90
CA SER A 110 -2.38 -5.71 -29.86
C SER A 110 -0.96 -5.38 -30.27
N GLY A 111 -0.81 -4.59 -31.33
CA GLY A 111 0.52 -4.31 -31.87
C GLY A 111 1.18 -5.62 -32.26
N LYS A 112 2.44 -5.82 -31.84
CA LYS A 112 3.16 -7.08 -32.16
C LYS A 112 3.00 -8.18 -31.09
N ALA A 113 2.19 -7.98 -30.07
CA ALA A 113 1.99 -8.95 -28.99
C ALA A 113 0.79 -9.82 -29.29
N GLU A 114 0.93 -11.14 -29.10
CA GLU A 114 -0.18 -12.07 -29.31
C GLU A 114 -0.25 -13.05 -28.14
N PHE A 115 -1.36 -13.03 -27.41
CA PHE A 115 -1.60 -13.98 -26.35
C PHE A 115 -2.57 -14.99 -26.85
N ASN A 116 -2.47 -16.21 -26.36
CA ASN A 116 -3.47 -17.26 -26.57
C ASN A 116 -3.90 -17.65 -25.19
N LEU A 117 -5.21 -17.77 -24.94
CA LEU A 117 -5.75 -18.22 -23.67
C LEU A 117 -6.66 -19.40 -23.92
N ASN A 118 -6.60 -20.38 -23.02
CA ASN A 118 -7.49 -21.54 -23.06
C ASN A 118 -8.86 -21.10 -22.59
N GLY A 119 -9.77 -20.91 -23.54
CA GLY A 119 -11.13 -20.49 -23.22
C GLY A 119 -12.02 -21.63 -22.78
N LEU A 120 -13.19 -21.25 -22.29
CA LEU A 120 -14.24 -22.18 -21.89
C LEU A 120 -15.54 -21.78 -22.57
N ASP A 121 -16.36 -22.78 -22.83
CA ASP A 121 -17.69 -22.66 -23.45
C ASP A 121 -18.57 -21.74 -22.59
N ALA A 122 -19.02 -20.60 -23.15
CA ALA A 122 -19.82 -19.64 -22.38
C ALA A 122 -21.21 -20.14 -22.10
N ASP A 123 -21.67 -21.23 -22.78
CA ASP A 123 -22.98 -21.80 -22.46
C ASP A 123 -22.97 -22.44 -21.05
N GLU A 124 -21.77 -22.77 -20.50
CA GLU A 124 -21.64 -23.34 -19.16
C GLU A 124 -21.64 -22.27 -18.06
N TYR A 125 -21.56 -20.97 -18.42
CA TYR A 125 -21.53 -19.89 -17.44
C TYR A 125 -22.95 -19.66 -16.89
N PRO A 126 -23.12 -19.46 -15.55
CA PRO A 126 -24.49 -19.30 -15.03
C PRO A 126 -25.21 -18.08 -15.57
N HIS A 127 -26.53 -18.18 -15.68
CA HIS A 127 -27.33 -17.07 -16.18
C HIS A 127 -27.47 -16.05 -15.06
N LEU A 128 -27.69 -14.78 -15.42
CA LEU A 128 -27.93 -13.70 -14.45
C LEU A 128 -29.24 -13.98 -13.74
N PRO A 129 -29.45 -13.43 -12.54
CA PRO A 129 -30.75 -13.60 -11.89
C PRO A 129 -31.86 -13.03 -12.76
N GLN A 130 -32.96 -13.77 -12.89
CA GLN A 130 -34.10 -13.32 -13.68
C GLN A 130 -34.97 -12.59 -12.71
N ILE A 131 -35.10 -11.29 -12.90
CA ILE A 131 -35.87 -10.43 -12.02
C ILE A 131 -36.85 -9.59 -12.83
N GLU A 132 -38.04 -9.34 -12.27
CA GLU A 132 -39.04 -8.50 -12.95
C GLU A 132 -38.56 -7.05 -12.78
N GLU A 133 -38.04 -6.46 -13.88
CA GLU A 133 -37.49 -5.10 -13.87
C GLU A 133 -38.65 -4.07 -13.83
N HIS A 134 -39.25 -3.95 -12.64
CA HIS A 134 -40.40 -3.10 -12.38
C HIS A 134 -40.25 -2.50 -11.00
N HIS A 135 -41.11 -1.53 -10.65
CA HIS A 135 -41.08 -0.83 -9.37
C HIS A 135 -39.65 -0.38 -8.99
N ALA A 136 -38.89 0.11 -9.97
CA ALA A 136 -37.55 0.61 -9.71
C ALA A 136 -37.61 1.87 -8.85
N ILE A 137 -36.74 1.92 -7.85
CA ILE A 137 -36.51 3.11 -7.03
C ILE A 137 -35.35 3.80 -7.73
N GLN A 138 -35.43 5.11 -7.91
CA GLN A 138 -34.36 5.88 -8.52
C GLN A 138 -33.67 6.73 -7.47
N ILE A 139 -32.34 6.70 -7.43
CA ILE A 139 -31.53 7.47 -6.50
C ILE A 139 -30.35 8.06 -7.25
N PRO A 140 -30.10 9.39 -7.15
CA PRO A 140 -28.89 9.96 -7.74
C PRO A 140 -27.63 9.24 -7.24
N THR A 141 -26.68 8.95 -8.15
CA THR A 141 -25.47 8.19 -7.82
C THR A 141 -24.71 8.75 -6.61
N ASP A 142 -24.54 10.07 -6.55
CA ASP A 142 -23.80 10.69 -5.46
C ASP A 142 -24.48 10.45 -4.09
N LEU A 143 -25.82 10.55 -4.02
CA LEU A 143 -26.59 10.30 -2.78
C LEU A 143 -26.45 8.83 -2.42
N LEU A 144 -26.54 7.91 -3.41
CA LEU A 144 -26.38 6.47 -3.14
C LEU A 144 -25.02 6.15 -2.52
N LYS A 145 -23.92 6.71 -3.10
CA LYS A 145 -22.59 6.51 -2.61
C LYS A 145 -22.45 7.04 -1.18
N ASN A 146 -23.07 8.18 -0.89
CA ASN A 146 -22.97 8.75 0.45
C ASN A 146 -23.80 7.89 1.44
N LEU A 147 -24.98 7.41 1.06
CA LEU A 147 -25.78 6.51 1.90
C LEU A 147 -24.95 5.30 2.31
N ILE A 148 -24.25 4.70 1.34
CA ILE A 148 -23.42 3.54 1.61
C ILE A 148 -22.28 3.92 2.55
N ARG A 149 -21.56 5.01 2.25
CA ARG A 149 -20.41 5.41 3.03
C ARG A 149 -20.77 5.69 4.50
N GLN A 150 -21.94 6.26 4.71
CA GLN A 150 -22.41 6.65 6.06
C GLN A 150 -23.00 5.49 6.87
N THR A 151 -23.10 4.28 6.29
CA THR A 151 -23.65 3.14 7.01
C THR A 151 -22.81 1.87 6.97
N VAL A 152 -22.21 1.52 5.83
CA VAL A 152 -21.62 0.20 5.66
C VAL A 152 -20.49 -0.16 6.62
N PHE A 153 -19.78 0.85 7.10
CA PHE A 153 -18.69 0.55 8.05
C PHE A 153 -19.14 -0.05 9.39
N ALA A 154 -20.45 0.10 9.72
CA ALA A 154 -20.97 -0.34 11.01
C ALA A 154 -21.49 -1.77 11.00
N VAL A 155 -21.51 -2.43 9.84
CA VAL A 155 -21.96 -3.81 9.83
C VAL A 155 -20.98 -4.70 10.59
N SER A 156 -21.46 -5.87 11.06
CA SER A 156 -20.57 -6.82 11.69
C SER A 156 -19.70 -7.45 10.61
N THR A 157 -18.50 -7.82 11.02
CA THR A 157 -17.56 -8.59 10.19
C THR A 157 -17.60 -10.05 10.59
N SER A 158 -18.37 -10.40 11.63
CA SER A 158 -18.51 -11.77 12.10
C SER A 158 -19.63 -12.48 11.32
N GLU A 159 -19.43 -13.74 10.96
CA GLU A 159 -20.50 -14.49 10.30
C GLU A 159 -21.31 -15.30 11.33
N THR A 160 -21.11 -15.04 12.63
CA THR A 160 -21.84 -15.78 13.65
CA THR A 160 -21.83 -15.64 13.78
C THR A 160 -23.32 -15.40 13.62
N ARG A 161 -23.64 -14.14 13.28
CA ARG A 161 -25.03 -13.72 13.08
C ARG A 161 -25.06 -13.08 11.69
N PRO A 162 -25.17 -13.86 10.61
CA PRO A 162 -25.07 -13.26 9.26
C PRO A 162 -25.93 -12.06 8.93
N ILE A 163 -27.09 -11.95 9.51
CA ILE A 163 -27.98 -10.86 9.11
C ILE A 163 -27.30 -9.51 9.43
N LEU A 164 -26.43 -9.46 10.48
CA LEU A 164 -25.80 -8.22 10.86
C LEU A 164 -24.65 -7.87 9.96
N THR A 165 -24.27 -8.71 9.05
CA THR A 165 -23.22 -8.37 8.06
C THR A 165 -23.78 -7.56 6.87
N GLY A 166 -25.08 -7.30 6.84
CA GLY A 166 -25.67 -6.47 5.81
C GLY A 166 -26.29 -5.22 6.36
N VAL A 167 -26.66 -4.32 5.46
CA VAL A 167 -27.31 -3.08 5.82
C VAL A 167 -28.80 -3.28 5.57
N ASN A 168 -29.61 -2.96 6.56
CA ASN A 168 -31.04 -3.05 6.43
C ASN A 168 -31.52 -1.85 5.63
N TRP A 169 -32.26 -2.09 4.54
CA TRP A 169 -32.89 -1.03 3.75
C TRP A 169 -34.40 -1.16 3.96
N LYS A 170 -35.03 -0.21 4.65
CA LYS A 170 -36.45 -0.25 4.94
C LYS A 170 -37.08 0.94 4.23
N VAL A 171 -38.05 0.66 3.36
CA VAL A 171 -38.75 1.70 2.60
C VAL A 171 -40.19 1.71 3.04
N GLU A 172 -40.68 2.86 3.49
CA GLU A 172 -42.08 3.04 3.88
C GLU A 172 -42.41 4.51 3.68
N GLN A 173 -43.60 4.80 3.14
CA GLN A 173 -44.07 6.19 2.95
C GLN A 173 -43.06 7.05 2.21
N SER A 174 -42.47 6.51 1.14
CA SER A 174 -41.53 7.26 0.29
C SER A 174 -40.26 7.70 1.01
N GLU A 175 -39.87 6.99 2.07
CA GLU A 175 -38.65 7.29 2.83
C GLU A 175 -37.82 6.02 2.91
N LEU A 176 -36.52 6.14 2.68
CA LEU A 176 -35.58 5.01 2.84
C LEU A 176 -34.85 5.18 4.19
N LEU A 177 -34.83 4.16 5.04
CA LEU A 177 -34.05 4.19 6.30
C LEU A 177 -33.04 3.07 6.14
N CYS A 178 -31.74 3.40 6.19
CA CYS A 178 -30.65 2.42 6.08
C CYS A 178 -30.09 2.27 7.46
N THR A 179 -30.07 1.06 8.02
CA THR A 179 -29.49 0.82 9.33
C THR A 179 -28.41 -0.25 9.24
N ALA A 180 -27.27 -0.01 9.89
CA ALA A 180 -26.21 -1.01 10.00
C ALA A 180 -25.77 -1.07 11.45
N THR A 181 -25.52 -2.24 11.94
CA THR A 181 -25.02 -2.40 13.30
C THR A 181 -24.26 -3.69 13.44
N ASP A 182 -23.38 -3.71 14.46
CA ASP A 182 -22.68 -4.92 14.84
C ASP A 182 -22.93 -5.31 16.33
N SER A 183 -23.98 -4.71 16.93
CA SER A 183 -24.43 -4.85 18.30
CA SER A 183 -24.41 -4.89 18.31
C SER A 183 -23.63 -3.99 19.28
N HIS A 184 -22.57 -3.29 18.79
CA HIS A 184 -21.75 -2.42 19.63
C HIS A 184 -21.92 -1.00 19.23
N ARG A 185 -22.20 -0.76 17.96
CA ARG A 185 -22.41 0.58 17.44
C ARG A 185 -23.37 0.47 16.26
N LEU A 186 -23.99 1.57 15.90
CA LEU A 186 -25.01 1.59 14.89
C LEU A 186 -24.97 2.84 14.08
N ALA A 187 -25.26 2.72 12.80
CA ALA A 187 -25.34 3.85 11.88
C ALA A 187 -26.72 3.83 11.24
N LEU A 188 -27.36 4.99 11.13
CA LEU A 188 -28.68 5.11 10.52
C LEU A 188 -28.63 6.31 9.57
N ARG A 189 -29.09 6.12 8.32
CA ARG A 189 -29.20 7.21 7.35
C ARG A 189 -30.64 7.15 6.81
N LYS A 190 -31.30 8.30 6.72
CA LYS A 190 -32.65 8.46 6.21
C LYS A 190 -32.59 9.27 4.91
N ALA A 191 -33.39 8.91 3.92
CA ALA A 191 -33.43 9.64 2.65
C ALA A 191 -34.82 9.61 2.06
N LYS A 192 -35.29 10.76 1.56
CA LYS A 192 -36.60 10.83 0.93
C LYS A 192 -36.46 10.25 -0.48
N LEU A 193 -37.41 9.40 -0.90
CA LEU A 193 -37.45 8.77 -2.22
C LEU A 193 -38.63 9.34 -3.01
N ASP A 194 -38.55 9.31 -4.34
CA ASP A 194 -39.62 9.78 -5.21
C ASP A 194 -40.38 8.56 -5.74
N ILE A 195 -41.12 7.89 -4.86
CA ILE A 195 -41.87 6.68 -5.22
C ILE A 195 -43.29 6.75 -4.61
N PRO A 196 -44.22 5.90 -5.08
CA PRO A 196 -45.56 5.95 -4.47
C PRO A 196 -45.49 5.64 -2.97
N GLU A 197 -46.26 6.38 -2.17
CA GLU A 197 -46.23 6.22 -0.71
C GLU A 197 -46.62 4.83 -0.21
N ASP A 198 -47.37 4.07 -1.01
CA ASP A 198 -47.82 2.71 -0.62
C ASP A 198 -46.74 1.65 -0.80
N ARG A 199 -45.65 1.96 -1.52
CA ARG A 199 -44.59 0.98 -1.75
C ARG A 199 -43.86 0.69 -0.44
N SER A 200 -43.59 -0.59 -0.18
CA SER A 200 -42.95 -1.03 1.07
C SER A 200 -41.90 -2.09 0.79
N TYR A 201 -40.70 -1.93 1.41
CA TYR A 201 -39.63 -2.92 1.28
C TYR A 201 -38.94 -3.01 2.62
N ASN A 202 -38.39 -4.18 2.89
CA ASN A 202 -37.59 -4.40 4.11
C ASN A 202 -36.62 -5.51 3.82
N VAL A 203 -35.41 -5.14 3.37
CA VAL A 203 -34.41 -6.09 2.94
C VAL A 203 -33.08 -5.83 3.63
N VAL A 204 -32.18 -6.80 3.50
CA VAL A 204 -30.84 -6.69 4.07
C VAL A 204 -29.85 -6.97 2.96
N ILE A 205 -29.02 -5.99 2.64
CA ILE A 205 -28.06 -6.09 1.56
C ILE A 205 -26.67 -6.30 2.14
N PRO A 206 -25.92 -7.36 1.72
CA PRO A 206 -24.56 -7.55 2.24
C PRO A 206 -23.71 -6.29 2.17
N GLY A 207 -23.01 -5.98 3.25
CA GLY A 207 -22.15 -4.80 3.26
C GLY A 207 -21.08 -4.90 2.19
N LYS A 208 -20.55 -6.11 1.94
CA LYS A 208 -19.52 -6.28 0.88
C LYS A 208 -20.08 -5.90 -0.51
N SER A 209 -21.33 -6.23 -0.76
CA SER A 209 -21.97 -5.93 -2.04
C SER A 209 -22.04 -4.41 -2.20
N LEU A 210 -22.48 -3.70 -1.17
CA LEU A 210 -22.57 -2.25 -1.31
C LEU A 210 -21.21 -1.57 -1.44
N THR A 211 -20.18 -2.06 -0.75
CA THR A 211 -18.84 -1.50 -0.85
C THR A 211 -18.34 -1.70 -2.30
N GLU A 212 -18.56 -2.87 -2.87
CA GLU A 212 -18.09 -3.10 -4.26
C GLU A 212 -18.87 -2.31 -5.28
N LEU A 213 -20.19 -2.20 -5.10
CA LEU A 213 -21.00 -1.36 -5.96
C LEU A 213 -20.48 0.08 -5.96
N SER A 214 -20.18 0.65 -4.77
CA SER A 214 -19.73 2.04 -4.75
C SER A 214 -18.42 2.25 -5.51
N LYS A 215 -17.56 1.25 -5.51
CA LYS A 215 -16.28 1.33 -6.23
C LYS A 215 -16.49 1.40 -7.72
N ILE A 216 -17.59 0.86 -8.26
CA ILE A 216 -17.81 0.94 -9.71
C ILE A 216 -18.68 2.13 -10.14
N LEU A 217 -19.29 2.87 -9.19
CA LEU A 217 -20.12 4.01 -9.56
C LEU A 217 -19.24 5.26 -9.55
N ASP A 218 -19.44 6.16 -10.53
CA ASP A 218 -18.68 7.43 -10.58
C ASP A 218 -19.32 8.53 -9.76
N ASP A 219 -18.57 9.61 -9.49
CA ASP A 219 -19.08 10.76 -8.73
C ASP A 219 -19.87 11.64 -9.68
N ASN A 220 -21.18 11.38 -9.76
CA ASN A 220 -22.08 12.16 -10.60
C ASN A 220 -23.49 12.09 -10.02
N GLN A 221 -24.43 12.84 -10.62
CA GLN A 221 -25.81 12.90 -10.18
C GLN A 221 -26.78 12.08 -11.04
N GLU A 222 -26.26 11.17 -11.90
CA GLU A 222 -27.11 10.34 -12.75
C GLU A 222 -27.93 9.39 -11.86
N LEU A 223 -29.19 9.15 -12.24
CA LEU A 223 -30.08 8.28 -11.47
C LEU A 223 -29.71 6.81 -11.62
N VAL A 224 -29.60 6.12 -10.48
CA VAL A 224 -29.37 4.68 -10.43
C VAL A 224 -30.73 4.05 -10.23
N ASP A 225 -31.10 3.03 -11.01
CA ASP A 225 -32.37 2.32 -10.86
C ASP A 225 -32.14 1.14 -9.94
N ILE A 226 -32.98 0.98 -8.92
CA ILE A 226 -32.85 -0.06 -7.90
C ILE A 226 -34.08 -0.89 -7.90
N VAL A 227 -33.97 -2.15 -8.29
CA VAL A 227 -35.08 -3.07 -8.33
C VAL A 227 -34.84 -4.04 -7.20
N ILE A 228 -35.77 -4.10 -6.26
CA ILE A 228 -35.70 -5.00 -5.11
C ILE A 228 -36.71 -6.11 -5.26
N THR A 229 -36.29 -7.36 -5.15
CA THR A 229 -37.18 -8.51 -5.19
C THR A 229 -37.14 -9.22 -3.83
N GLU A 230 -37.69 -10.43 -3.70
CA GLU A 230 -37.66 -11.11 -2.41
C GLU A 230 -36.23 -11.59 -2.04
N THR A 231 -35.42 -11.95 -3.04
CA THR A 231 -34.10 -12.55 -2.84
C THR A 231 -32.93 -11.82 -3.51
N GLN A 232 -33.20 -10.78 -4.32
CA GLN A 232 -32.15 -10.07 -5.03
C GLN A 232 -32.40 -8.59 -5.04
N VAL A 233 -31.33 -7.85 -5.27
CA VAL A 233 -31.40 -6.42 -5.54
C VAL A 233 -30.55 -6.18 -6.79
N LEU A 234 -31.10 -5.43 -7.75
CA LEU A 234 -30.39 -5.03 -8.96
C LEU A 234 -30.19 -3.51 -8.94
N PHE A 235 -28.97 -3.07 -9.15
CA PHE A 235 -28.61 -1.67 -9.32
C PHE A 235 -28.22 -1.50 -10.79
N LYS A 236 -28.92 -0.64 -11.50
CA LYS A 236 -28.62 -0.33 -12.91
C LYS A 236 -28.15 1.09 -13.05
N ALA A 237 -27.01 1.29 -13.67
CA ALA A 237 -26.45 2.60 -13.95
C ALA A 237 -25.99 2.56 -15.43
N LYS A 238 -25.39 3.65 -15.93
CA LYS A 238 -25.00 3.67 -17.33
C LYS A 238 -24.01 2.54 -17.68
N ASN A 239 -24.44 1.65 -18.59
CA ASN A 239 -23.67 0.51 -19.08
C ASN A 239 -23.27 -0.48 -18.01
N VAL A 240 -24.03 -0.60 -16.91
CA VAL A 240 -23.69 -1.54 -15.89
C VAL A 240 -24.92 -2.07 -15.17
N LEU A 241 -24.87 -3.35 -14.87
CA LEU A 241 -25.85 -4.05 -14.05
C LEU A 241 -25.06 -4.66 -12.88
N PHE A 242 -25.52 -4.41 -11.65
CA PHE A 242 -24.89 -4.94 -10.45
C PHE A 242 -25.97 -5.65 -9.64
N PHE A 243 -25.87 -6.96 -9.52
CA PHE A 243 -26.83 -7.77 -8.79
C PHE A 243 -26.23 -8.19 -7.46
N SER A 244 -27.04 -8.22 -6.40
CA SER A 244 -26.64 -8.79 -5.15
C SER A 244 -27.73 -9.66 -4.58
N ARG A 245 -27.35 -10.79 -4.03
CA ARG A 245 -28.26 -11.63 -3.29
C ARG A 245 -28.57 -10.89 -1.99
N LEU A 246 -29.77 -11.02 -1.46
CA LEU A 246 -30.17 -10.40 -0.20
C LEU A 246 -29.96 -11.45 0.90
N LEU A 247 -29.79 -10.97 2.16
CA LEU A 247 -29.60 -11.88 3.28
C LEU A 247 -31.00 -12.23 3.80
N ASP A 248 -31.21 -13.49 4.08
CA ASP A 248 -32.51 -13.94 4.54
C ASP A 248 -32.66 -13.78 6.04
N GLY A 249 -33.86 -13.46 6.48
CA GLY A 249 -34.19 -13.34 7.89
C GLY A 249 -34.74 -11.98 8.22
N ASN A 250 -35.17 -11.82 9.44
CA ASN A 250 -35.72 -10.58 9.92
C ASN A 250 -34.60 -9.79 10.57
N TYR A 251 -34.37 -8.58 10.10
CA TYR A 251 -33.34 -7.73 10.71
C TYR A 251 -33.84 -7.28 12.08
N PRO A 252 -33.01 -7.21 13.13
CA PRO A 252 -33.55 -6.79 14.43
C PRO A 252 -34.09 -5.37 14.48
N ASP A 253 -35.07 -5.18 15.36
CA ASP A 253 -35.66 -3.86 15.58
C ASP A 253 -34.70 -3.06 16.44
N THR A 254 -34.18 -1.95 15.90
CA THR A 254 -33.25 -1.09 16.63
C THR A 254 -33.90 0.26 17.01
N THR A 255 -35.18 0.50 16.64
CA THR A 255 -35.86 1.77 16.94
C THR A 255 -35.98 2.01 18.46
N SER A 256 -36.12 0.96 19.27
CA SER A 256 -36.17 1.11 20.75
C SER A 256 -34.79 1.52 21.30
N LEU A 257 -33.71 1.10 20.62
CA LEU A 257 -32.33 1.37 21.03
C LEU A 257 -31.94 2.84 20.89
N ILE A 258 -32.50 3.58 19.92
CA ILE A 258 -32.17 4.98 19.67
CA ILE A 258 -32.16 4.98 19.68
C ILE A 258 -32.85 5.88 20.73
N PRO A 259 -32.10 6.47 21.70
CA PRO A 259 -32.77 7.32 22.70
C PRO A 259 -33.39 8.57 22.12
N GLN A 260 -34.59 8.96 22.61
CA GLN A 260 -35.32 10.14 22.12
C GLN A 260 -35.04 11.37 22.99
N ASP A 261 -34.54 11.17 24.23
CA ASP A 261 -34.21 12.26 25.16
C ASP A 261 -32.76 12.03 25.62
N SER A 262 -32.16 13.05 26.22
CA SER A 262 -30.79 12.97 26.74
C SER A 262 -30.68 13.67 28.09
N LYS A 263 -29.61 13.38 28.80
CA LYS A 263 -29.27 14.00 30.09
C LYS A 263 -28.15 15.01 29.94
N THR A 264 -27.24 14.80 28.95
CA THR A 264 -26.16 15.73 28.72
C THR A 264 -26.02 15.91 27.23
N GLU A 265 -25.84 17.16 26.78
CA GLU A 265 -25.67 17.49 25.38
C GLU A 265 -24.41 18.27 25.21
N ILE A 266 -23.56 17.85 24.26
CA ILE A 266 -22.33 18.59 23.95
C ILE A 266 -22.39 18.99 22.52
N ILE A 267 -21.98 20.23 22.22
CA ILE A 267 -21.76 20.70 20.85
C ILE A 267 -20.28 21.06 20.78
N VAL A 268 -19.55 20.43 19.89
CA VAL A 268 -18.08 20.62 19.80
C VAL A 268 -17.63 20.61 18.37
N ASN A 269 -16.55 21.38 18.10
CA ASN A 269 -15.90 21.41 16.79
C ASN A 269 -15.48 19.98 16.44
N THR A 270 -15.89 19.50 15.27
CA THR A 270 -15.70 18.12 14.88
C THR A 270 -14.24 17.72 14.79
N LYS A 271 -13.45 18.54 14.07
CA LYS A 271 -12.03 18.27 13.83
C LYS A 271 -11.26 18.26 15.18
N GLU A 272 -11.53 19.21 16.03
CA GLU A 272 -10.87 19.23 17.35
CA GLU A 272 -10.96 19.30 17.36
C GLU A 272 -11.20 18.01 18.16
N PHE A 273 -12.48 17.57 18.18
CA PHE A 273 -12.86 16.37 18.93
C PHE A 273 -12.23 15.14 18.32
N LEU A 274 -12.31 15.00 16.99
CA LEU A 274 -11.71 13.86 16.32
C LEU A 274 -10.21 13.77 16.60
N GLN A 275 -9.52 14.90 16.50
CA GLN A 275 -8.06 14.88 16.74
C GLN A 275 -7.71 14.47 18.17
N ALA A 276 -8.51 14.90 19.14
CA ALA A 276 -8.27 14.53 20.53
C ALA A 276 -8.55 13.05 20.77
N ILE A 277 -9.65 12.51 20.19
CA ILE A 277 -9.96 11.08 20.35
C ILE A 277 -8.85 10.25 19.68
N ASP A 278 -8.37 10.70 18.52
CA ASP A 278 -7.32 10.02 17.81
C ASP A 278 -6.05 10.01 18.72
N ARG A 279 -5.67 11.15 19.31
CA ARG A 279 -4.51 11.13 20.22
C ARG A 279 -4.69 10.21 21.40
N ALA A 280 -5.90 10.17 21.95
CA ALA A 280 -6.14 9.34 23.10
C ALA A 280 -6.07 7.87 22.82
N SER A 281 -6.19 7.48 21.55
CA SER A 281 -6.15 6.11 21.12
C SER A 281 -4.74 5.57 20.83
N LEU A 282 -3.73 6.43 20.87
CA LEU A 282 -2.37 6.03 20.45
C LEU A 282 -1.56 5.10 21.35
N LEU A 283 -1.96 4.86 22.61
CA LEU A 283 -1.18 3.96 23.48
C LEU A 283 -1.84 2.57 23.57
N ALA A 284 -2.77 2.26 22.65
CA ALA A 284 -3.44 0.95 22.55
C ALA A 284 -2.43 -0.18 22.46
N ARG A 285 -2.70 -1.30 23.17
CA ARG A 285 -1.84 -2.48 23.16
C ARG A 285 -2.64 -3.72 22.74
N GLU A 286 -1.99 -4.64 21.99
CA GLU A 286 -2.63 -5.90 21.58
C GLU A 286 -2.86 -6.77 22.82
N GLY A 287 -4.00 -7.46 22.86
CA GLY A 287 -4.37 -8.28 24.00
C GLY A 287 -4.88 -7.47 25.19
N ARG A 288 -5.31 -6.22 24.93
CA ARG A 288 -5.84 -5.33 25.94
C ARG A 288 -6.89 -4.45 25.27
N ASN A 289 -8.03 -4.22 25.93
CA ASN A 289 -9.09 -3.39 25.34
C ASN A 289 -8.68 -1.92 25.47
N ASN A 290 -8.58 -1.19 24.35
CA ASN A 290 -8.20 0.22 24.42
C ASN A 290 -9.48 1.01 24.64
N VAL A 291 -9.53 1.71 25.75
CA VAL A 291 -10.72 2.45 26.11
C VAL A 291 -10.30 3.88 26.31
N VAL A 292 -11.17 4.81 25.93
CA VAL A 292 -10.95 6.23 26.15
CA VAL A 292 -10.95 6.24 26.19
C VAL A 292 -12.08 6.73 27.07
N LYS A 293 -11.74 7.68 27.95
CA LYS A 293 -12.68 8.27 28.88
C LYS A 293 -12.91 9.69 28.51
N LEU A 294 -14.20 10.11 28.56
CA LEU A 294 -14.60 11.48 28.35
C LEU A 294 -15.30 11.99 29.62
N SER A 295 -14.85 13.16 30.15
CA SER A 295 -15.49 13.83 31.27
C SER A 295 -15.97 15.16 30.80
N ALA A 296 -17.19 15.50 31.13
CA ALA A 296 -17.78 16.75 30.67
C ALA A 296 -18.61 17.36 31.77
N LYS A 297 -18.61 18.67 31.84
CA LYS A 297 -19.41 19.42 32.80
C LYS A 297 -19.73 20.79 32.21
N PRO A 298 -20.96 21.33 32.36
CA PRO A 298 -21.22 22.68 31.87
C PRO A 298 -20.23 23.67 32.47
N ALA A 299 -19.87 24.69 31.75
CA ALA A 299 -20.49 25.14 30.53
C ALA A 299 -19.76 24.73 29.28
N GLU A 300 -18.44 24.46 29.39
CA GLU A 300 -17.65 24.19 28.20
C GLU A 300 -16.48 23.24 28.37
N SER A 301 -16.33 22.53 29.52
CA SER A 301 -15.18 21.72 29.82
C SER A 301 -15.30 20.27 29.42
N ILE A 302 -14.28 19.79 28.54
CA ILE A 302 -14.14 18.38 28.19
C ILE A 302 -12.72 17.91 28.48
N GLU A 303 -12.65 16.78 29.15
CA GLU A 303 -11.37 16.10 29.40
C GLU A 303 -11.45 14.73 28.79
N ILE A 304 -10.48 14.45 27.91
CA ILE A 304 -10.32 13.16 27.26
C ILE A 304 -9.10 12.48 27.90
N SER A 305 -9.21 11.19 28.22
CA SER A 305 -8.04 10.53 28.79
C SER A 305 -8.02 9.04 28.46
N SER A 306 -6.81 8.44 28.59
CA SER A 306 -6.65 7.00 28.43
C SER A 306 -5.37 6.62 29.13
N ASN A 307 -5.27 5.36 29.53
CA ASN A 307 -4.04 4.85 30.14
C ASN A 307 -3.76 3.46 29.67
N SER A 308 -2.48 3.13 29.48
CA SER A 308 -2.01 1.79 29.05
C SER A 308 -0.92 1.39 30.03
N PRO A 309 -1.24 0.56 31.06
CA PRO A 309 -0.22 0.23 32.08
C PRO A 309 1.08 -0.26 31.47
N GLU A 310 2.19 0.21 32.06
CA GLU A 310 3.56 -0.05 31.64
C GLU A 310 3.96 0.64 30.31
N ILE A 311 3.02 1.39 29.64
CA ILE A 311 3.31 2.10 28.41
C ILE A 311 3.25 3.60 28.68
N GLY A 312 2.12 4.05 29.19
CA GLY A 312 1.94 5.47 29.43
C GLY A 312 0.50 5.84 29.56
N LYS A 313 0.23 7.14 29.49
CA LYS A 313 -1.15 7.66 29.62
C LYS A 313 -1.23 8.96 28.87
N VAL A 314 -2.46 9.40 28.65
CA VAL A 314 -2.68 10.68 28.00
C VAL A 314 -3.87 11.39 28.59
N VAL A 315 -3.79 12.72 28.68
CA VAL A 315 -4.90 13.56 29.11
C VAL A 315 -4.92 14.77 28.17
N GLU A 316 -6.12 15.21 27.81
CA GLU A 316 -6.24 16.39 26.96
C GLU A 316 -7.50 17.13 27.28
N ALA A 317 -7.42 18.44 27.36
CA ALA A 317 -8.58 19.27 27.60
C ALA A 317 -9.01 19.87 26.25
N ILE A 318 -10.33 19.95 26.03
CA ILE A 318 -10.92 20.53 24.84
C ILE A 318 -11.99 21.50 25.30
N VAL A 319 -12.08 22.67 24.65
CA VAL A 319 -13.14 23.63 25.00
C VAL A 319 -14.32 23.39 24.02
N ALA A 320 -15.45 23.05 24.56
CA ALA A 320 -16.67 22.80 23.78
C ALA A 320 -17.32 24.14 23.41
N ASP A 321 -18.16 24.11 22.38
CA ASP A 321 -19.01 25.26 22.00
C ASP A 321 -20.06 25.38 23.10
N GLN A 322 -20.77 24.25 23.39
CA GLN A 322 -21.77 24.25 24.40
C GLN A 322 -21.84 22.91 25.11
N ILE A 323 -22.09 22.95 26.42
CA ILE A 323 -22.36 21.76 27.24
C ILE A 323 -23.54 22.10 28.11
N GLU A 324 -24.60 21.29 28.04
CA GLU A 324 -25.81 21.51 28.82
C GLU A 324 -26.20 20.19 29.45
N GLY A 325 -26.65 20.25 30.70
CA GLY A 325 -27.13 19.07 31.39
C GLY A 325 -26.21 18.55 32.47
N GLU A 326 -26.31 17.26 32.71
CA GLU A 326 -25.60 16.63 33.78
C GLU A 326 -24.13 16.45 33.56
N GLU A 327 -23.34 16.50 34.66
CA GLU A 327 -21.93 16.15 34.60
C GLU A 327 -21.86 14.66 34.19
N LEU A 328 -20.88 14.32 33.37
CA LEU A 328 -20.74 12.99 32.78
C LEU A 328 -19.31 12.51 32.79
N ASN A 329 -19.12 11.24 33.10
CA ASN A 329 -17.86 10.52 33.00
C ASN A 329 -18.21 9.24 32.28
N ILE A 330 -17.74 9.06 31.04
CA ILE A 330 -18.16 7.91 30.24
C ILE A 330 -16.97 7.37 29.51
N SER A 331 -16.94 6.06 29.25
CA SER A 331 -15.86 5.43 28.52
C SER A 331 -16.38 4.70 27.30
N PHE A 332 -15.52 4.59 26.28
CA PHE A 332 -15.93 3.97 25.04
C PHE A 332 -14.74 3.63 24.19
N SER A 333 -15.02 2.87 23.14
CA SER A 333 -14.01 2.50 22.14
C SER A 333 -13.69 3.67 21.28
N PRO A 334 -12.39 4.07 21.19
CA PRO A 334 -12.05 5.15 20.29
C PRO A 334 -12.23 4.78 18.83
N LYS A 335 -12.09 3.50 18.47
CA LYS A 335 -12.29 3.07 17.09
C LYS A 335 -13.71 3.37 16.68
N TYR A 336 -14.69 3.04 17.51
CA TYR A 336 -16.07 3.30 17.11
C TYR A 336 -16.37 4.75 17.01
N MET A 337 -15.81 5.55 17.96
CA MET A 337 -15.98 6.97 17.89
C MET A 337 -15.34 7.58 16.65
N LEU A 338 -14.13 7.16 16.32
CA LEU A 338 -13.48 7.70 15.13
C LEU A 338 -14.21 7.26 13.85
N ASP A 339 -14.71 6.07 13.81
CA ASP A 339 -15.45 5.60 12.64
C ASP A 339 -16.69 6.45 12.42
N ALA A 340 -17.41 6.79 13.52
CA ALA A 340 -18.60 7.64 13.39
C ALA A 340 -18.27 9.06 12.98
N LEU A 341 -17.22 9.65 13.58
CA LEU A 341 -16.89 11.03 13.29
C LEU A 341 -16.46 11.23 11.83
N LYS A 342 -15.84 10.21 11.27
CA LYS A 342 -15.35 10.23 9.88
C LYS A 342 -16.44 10.34 8.86
N VAL A 343 -17.66 9.92 9.19
CA VAL A 343 -18.73 10.02 8.22
C VAL A 343 -19.61 11.23 8.42
N LEU A 344 -19.44 12.00 9.53
CA LEU A 344 -20.20 13.20 9.78
C LEU A 344 -19.49 14.36 9.06
N GLU A 345 -20.27 15.21 8.36
CA GLU A 345 -19.70 16.23 7.45
C GLU A 345 -19.64 17.68 7.94
N GLY A 346 -20.28 18.01 9.05
CA GLY A 346 -20.29 19.39 9.52
C GLY A 346 -19.06 19.89 10.26
N ALA A 347 -19.06 21.19 10.52
CA ALA A 347 -18.02 21.86 11.29
C ALA A 347 -18.10 21.43 12.75
N GLU A 348 -19.30 21.05 13.23
CA GLU A 348 -19.48 20.66 14.61
C GLU A 348 -20.31 19.41 14.68
N ILE A 349 -20.26 18.80 15.84
CA ILE A 349 -21.10 17.63 16.12
C ILE A 349 -21.86 17.92 17.38
N ARG A 350 -22.96 17.19 17.55
CA ARG A 350 -23.77 17.20 18.73
C ARG A 350 -23.66 15.77 19.30
N VAL A 351 -23.23 15.64 20.56
CA VAL A 351 -23.12 14.33 21.23
C VAL A 351 -24.11 14.33 22.36
N SER A 352 -24.98 13.32 22.41
CA SER A 352 -26.14 13.28 23.32
C SER A 352 -26.00 12.05 24.17
N PHE A 353 -25.87 12.24 25.50
CA PHE A 353 -25.67 11.15 26.45
C PHE A 353 -26.78 11.02 27.42
N THR A 354 -26.97 9.79 27.91
CA THR A 354 -27.94 9.49 28.97
C THR A 354 -27.14 8.72 30.05
N GLY A 355 -26.23 9.39 30.72
CA GLY A 355 -25.40 8.73 31.69
C GLY A 355 -24.29 7.92 31.06
N ALA A 356 -23.58 7.17 31.88
CA ALA A 356 -22.41 6.41 31.48
C ALA A 356 -22.63 5.01 30.95
N MET A 357 -23.83 4.44 31.13
CA MET A 357 -24.14 3.06 30.79
CA MET A 357 -24.09 3.06 30.75
C MET A 357 -25.04 2.88 29.58
N ARG A 358 -25.71 3.93 29.12
CA ARG A 358 -26.63 3.82 28.00
C ARG A 358 -25.99 4.28 26.69
N PRO A 359 -26.53 3.81 25.55
CA PRO A 359 -26.00 4.26 24.28
C PRO A 359 -26.05 5.77 24.12
N PHE A 360 -25.04 6.32 23.48
CA PHE A 360 -25.02 7.75 23.19
C PHE A 360 -25.06 7.98 21.67
N LEU A 361 -25.48 9.18 21.28
CA LEU A 361 -25.73 9.52 19.88
C LEU A 361 -24.75 10.57 19.46
N ILE A 362 -24.31 10.49 18.21
CA ILE A 362 -23.46 11.50 17.60
C ILE A 362 -24.21 11.96 16.34
N ARG A 363 -24.47 13.25 16.21
CA ARG A 363 -25.22 13.80 15.09
C ARG A 363 -24.60 15.10 14.64
N THR A 364 -25.04 15.61 13.50
CA THR A 364 -24.63 16.94 13.03
C THR A 364 -25.76 17.89 13.53
N PRO A 365 -25.46 19.07 14.11
CA PRO A 365 -26.53 19.97 14.53
C PRO A 365 -27.49 20.31 13.39
N ASN A 366 -28.80 20.34 13.68
CA ASN A 366 -29.83 20.70 12.69
C ASN A 366 -29.93 19.73 11.50
N ASP A 367 -29.48 18.47 11.66
CA ASP A 367 -29.58 17.50 10.58
C ASP A 367 -30.21 16.27 11.22
N GLU A 368 -31.40 15.87 10.74
CA GLU A 368 -32.11 14.72 11.30
C GLU A 368 -31.88 13.47 10.42
N THR A 369 -31.06 13.57 9.35
CA THR A 369 -30.91 12.48 8.38
C THR A 369 -29.87 11.44 8.71
N ILE A 370 -28.96 11.72 9.63
CA ILE A 370 -27.90 10.76 9.97
C ILE A 370 -27.77 10.70 11.46
N VAL A 371 -27.72 9.48 11.98
CA VAL A 371 -27.56 9.26 13.42
C VAL A 371 -26.53 8.18 13.61
N GLN A 372 -25.54 8.43 14.45
CA GLN A 372 -24.54 7.44 14.85
C GLN A 372 -24.78 7.16 16.32
N LEU A 373 -24.72 5.87 16.68
CA LEU A 373 -24.97 5.40 18.05
C LEU A 373 -23.83 4.52 18.47
N ILE A 374 -23.37 4.69 19.71
CA ILE A 374 -22.30 3.86 20.25
C ILE A 374 -22.68 3.39 21.64
N LEU A 375 -22.49 2.07 21.92
CA LEU A 375 -22.68 1.60 23.30
C LEU A 375 -21.38 1.84 24.09
N PRO A 376 -21.45 2.50 25.26
CA PRO A 376 -20.24 2.72 26.06
C PRO A 376 -19.71 1.44 26.71
N VAL A 377 -18.51 1.55 27.26
CA VAL A 377 -17.85 0.49 27.99
C VAL A 377 -18.23 0.74 29.45
N ARG A 378 -18.75 -0.28 30.12
CA ARG A 378 -19.09 -0.18 31.53
C ARG A 378 -17.81 -0.22 32.37
N THR A 379 -17.64 0.74 33.30
CA THR A 379 -16.51 0.76 34.22
C THR A 379 -17.02 0.45 35.63
N TYR A 380 -16.13 -0.06 36.50
CA TYR A 380 -16.48 -0.48 37.87
C TYR A 380 -15.65 0.22 38.94
N SER B 1 14.26 13.29 38.13
CA SER B 1 14.02 14.38 37.20
C SER B 1 15.17 14.43 36.27
N HIS B 2 15.16 15.31 35.21
CA HIS B 2 16.27 15.40 34.26
C HIS B 2 16.06 16.19 32.95
N MET B 3 16.20 15.53 31.78
CA MET B 3 16.13 16.18 30.49
C MET B 3 14.87 17.02 30.35
N LYS B 4 15.00 18.22 29.75
CA LYS B 4 13.89 19.12 29.50
C LYS B 4 14.17 20.07 28.37
N PHE B 5 13.34 20.03 27.33
CA PHE B 5 13.45 20.94 26.24
C PHE B 5 12.15 21.17 25.50
N THR B 6 12.15 22.25 24.73
CA THR B 6 11.07 22.62 23.83
C THR B 6 11.61 22.58 22.42
N ILE B 7 10.86 21.96 21.51
CA ILE B 7 11.28 21.78 20.12
C ILE B 7 10.17 22.01 19.12
N GLN B 8 10.55 22.36 17.89
CA GLN B 8 9.64 22.47 16.77
C GLN B 8 9.13 21.07 16.41
N LYS B 9 7.81 20.90 16.29
CA LYS B 9 7.22 19.60 15.96
C LYS B 9 7.74 19.05 14.63
N ASP B 10 7.78 19.90 13.59
CA ASP B 10 8.13 19.42 12.25
C ASP B 10 9.51 18.78 12.22
N ARG B 11 10.50 19.40 12.87
CA ARG B 11 11.86 18.85 12.90
C ARG B 11 11.95 17.63 13.81
N LEU B 12 11.21 17.62 14.93
CA LEU B 12 11.16 16.45 15.81
C LEU B 12 10.65 15.28 15.03
N VAL B 13 9.51 15.43 14.30
CA VAL B 13 8.95 14.33 13.52
C VAL B 13 9.92 13.82 12.46
N GLU B 14 10.61 14.74 11.76
CA GLU B 14 11.57 14.32 10.70
C GLU B 14 12.69 13.47 11.29
N SER B 15 13.25 13.90 12.41
CA SER B 15 14.32 13.14 13.05
C SER B 15 13.85 11.77 13.53
N VAL B 16 12.69 11.74 14.20
CA VAL B 16 12.14 10.47 14.65
C VAL B 16 11.89 9.49 13.50
N GLN B 17 11.30 9.97 12.41
CA GLN B 17 11.02 9.10 11.25
C GLN B 17 12.30 8.59 10.62
N ASP B 18 13.37 9.38 10.63
CA ASP B 18 14.63 8.86 10.10
C ASP B 18 15.20 7.76 11.00
N VAL B 19 15.25 7.97 12.32
CA VAL B 19 15.87 6.94 13.16
C VAL B 19 15.03 5.71 13.32
N LEU B 20 13.70 5.84 13.10
CA LEU B 20 12.79 4.72 13.26
C LEU B 20 13.09 3.63 12.24
N LYS B 21 13.78 3.96 11.17
CA LYS B 21 14.16 3.01 10.13
C LYS B 21 15.19 1.97 10.61
N ALA B 22 15.93 2.28 11.69
CA ALA B 22 16.90 1.37 12.30
C ALA B 22 16.32 0.57 13.44
N VAL B 23 15.06 0.84 13.86
CA VAL B 23 14.48 0.14 15.01
C VAL B 23 13.78 -1.10 14.50
N SER B 24 14.09 -2.24 15.10
CA SER B 24 13.43 -3.50 14.72
C SER B 24 12.39 -3.88 15.75
N SER B 25 11.20 -4.29 15.29
CA SER B 25 10.16 -4.82 16.18
C SER B 25 10.57 -6.20 16.76
N ARG B 26 11.42 -6.96 16.04
CA ARG B 26 11.86 -8.31 16.43
C ARG B 26 13.23 -8.40 17.17
N THR B 27 13.77 -7.27 17.68
CA THR B 27 15.06 -7.28 18.41
C THR B 27 15.00 -8.14 19.68
N THR B 28 16.15 -8.74 20.05
CA THR B 28 16.30 -9.55 21.27
C THR B 28 17.10 -8.79 22.35
N ILE B 29 17.43 -7.49 22.11
CA ILE B 29 18.08 -6.63 23.09
C ILE B 29 16.94 -5.67 23.45
N PRO B 30 16.25 -5.84 24.60
CA PRO B 30 15.05 -5.03 24.87
C PRO B 30 15.13 -3.51 24.69
N ILE B 31 16.23 -2.87 25.14
CA ILE B 31 16.35 -1.41 25.04
C ILE B 31 16.35 -0.93 23.57
N LEU B 32 16.63 -1.84 22.62
CA LEU B 32 16.64 -1.47 21.20
C LEU B 32 15.30 -1.31 20.54
N THR B 33 14.18 -1.48 21.30
CA THR B 33 12.85 -1.08 20.81
C THR B 33 12.65 0.41 21.12
N GLY B 34 13.61 1.05 21.77
CA GLY B 34 13.52 2.47 22.07
C GLY B 34 14.32 3.37 21.17
N ILE B 35 14.07 4.67 21.33
CA ILE B 35 14.79 5.75 20.70
C ILE B 35 15.51 6.46 21.83
N LYS B 36 16.83 6.64 21.69
CA LYS B 36 17.61 7.37 22.68
C LYS B 36 17.59 8.81 22.31
N ILE B 37 17.26 9.68 23.29
CA ILE B 37 17.20 11.11 23.06
C ILE B 37 18.27 11.70 23.97
N VAL B 38 19.11 12.56 23.45
CA VAL B 38 20.14 13.23 24.25
C VAL B 38 20.08 14.72 23.98
N ALA B 39 19.80 15.52 25.00
CA ALA B 39 19.77 16.97 24.89
C ALA B 39 21.04 17.49 25.53
N SER B 40 21.78 18.30 24.78
CA SER B 40 23.02 18.92 25.22
C SER B 40 22.85 20.43 25.02
N ASP B 41 23.87 21.23 25.32
CA ASP B 41 23.78 22.68 25.11
C ASP B 41 23.73 23.06 23.62
N ASP B 42 24.20 22.18 22.72
CA ASP B 42 24.21 22.42 21.26
C ASP B 42 22.94 22.02 20.51
N GLY B 43 22.12 21.15 21.09
CA GLY B 43 20.95 20.63 20.40
C GLY B 43 20.50 19.31 20.98
N VAL B 44 19.72 18.56 20.20
CA VAL B 44 19.22 17.27 20.65
C VAL B 44 19.53 16.20 19.62
N SER B 45 19.99 15.02 20.06
CA SER B 45 20.21 13.92 19.11
C SER B 45 19.21 12.84 19.40
N PHE B 46 18.85 12.07 18.35
CA PHE B 46 17.95 10.95 18.43
C PHE B 46 18.66 9.76 17.84
N THR B 47 18.58 8.61 18.49
CA THR B 47 19.28 7.43 17.96
C THR B 47 18.37 6.23 17.99
N GLY B 48 18.45 5.45 16.93
CA GLY B 48 17.76 4.19 16.78
C GLY B 48 18.73 3.15 16.25
N SER B 49 18.57 1.90 16.67
CA SER B 49 19.52 0.85 16.28
C SER B 49 18.91 -0.51 16.38
N ASP B 50 19.46 -1.46 15.58
CA ASP B 50 19.05 -2.88 15.68
C ASP B 50 20.30 -3.73 15.95
N SER B 51 21.43 -3.09 16.35
CA SER B 51 22.71 -3.69 16.67
C SER B 51 23.59 -3.85 15.43
N ASP B 52 23.00 -3.90 14.23
CA ASP B 52 23.74 -3.96 12.95
C ASP B 52 23.80 -2.59 12.33
N ILE B 53 22.64 -1.91 12.25
CA ILE B 53 22.61 -0.54 11.78
CA ILE B 53 22.47 -0.57 11.73
C ILE B 53 22.20 0.34 12.91
N SER B 54 22.73 1.57 12.87
CA SER B 54 22.40 2.60 13.85
C SER B 54 22.23 3.91 13.11
N ILE B 55 21.20 4.68 13.45
CA ILE B 55 20.99 5.98 12.84
C ILE B 55 20.95 7.01 13.94
N GLU B 56 21.69 8.10 13.77
CA GLU B 56 21.66 9.20 14.74
C GLU B 56 21.32 10.48 13.97
N SER B 57 20.24 11.15 14.36
CA SER B 57 19.79 12.39 13.74
C SER B 57 19.99 13.50 14.78
N PHE B 58 20.52 14.64 14.36
CA PHE B 58 20.81 15.74 15.24
C PHE B 58 19.97 16.94 14.83
N ILE B 59 19.44 17.67 15.83
CA ILE B 59 18.72 18.91 15.58
C ILE B 59 19.48 19.97 16.35
N PRO B 60 20.12 20.91 15.65
CA PRO B 60 20.86 21.98 16.34
C PRO B 60 19.88 22.93 17.00
N LYS B 61 20.28 23.55 18.12
CA LYS B 61 19.40 24.50 18.80
C LYS B 61 19.01 25.69 17.91
N GLU B 62 19.95 26.14 17.06
CA GLU B 62 19.74 27.25 16.15
C GLU B 62 20.22 26.97 14.73
N GLU B 63 19.53 27.56 13.75
CA GLU B 63 19.89 27.54 12.35
C GLU B 63 19.67 28.95 11.77
N GLY B 64 20.72 29.76 11.80
CA GLY B 64 20.66 31.13 11.31
C GLY B 64 19.87 32.03 12.24
N ASP B 65 18.65 32.42 11.82
CA ASP B 65 17.79 33.30 12.62
C ASP B 65 16.69 32.53 13.40
N LYS B 66 16.39 31.26 13.01
CA LYS B 66 15.34 30.46 13.67
C LYS B 66 15.87 29.61 14.82
N GLU B 67 15.17 29.65 15.97
CA GLU B 67 15.50 28.83 17.14
C GLU B 67 14.64 27.57 16.99
N ILE B 68 15.29 26.41 16.82
CA ILE B 68 14.61 25.13 16.62
C ILE B 68 14.35 24.44 17.96
N VAL B 69 15.31 24.52 18.90
CA VAL B 69 15.26 23.90 20.23
C VAL B 69 15.66 24.83 21.32
N THR B 70 14.97 24.74 22.46
CA THR B 70 15.32 25.45 23.68
C THR B 70 15.60 24.39 24.71
N ILE B 71 16.85 24.24 25.14
CA ILE B 71 17.21 23.23 26.15
C ILE B 71 17.20 23.86 27.52
N GLU B 72 16.18 23.54 28.32
CA GLU B 72 16.10 24.01 29.70
C GLU B 72 16.99 23.21 30.62
N GLN B 73 17.10 21.89 30.37
CA GLN B 73 17.95 21.03 31.17
C GLN B 73 18.54 19.93 30.30
N PRO B 74 19.87 19.88 30.12
CA PRO B 74 20.48 18.76 29.40
C PRO B 74 20.21 17.43 30.09
N GLY B 75 20.21 16.35 29.32
CA GLY B 75 19.96 15.04 29.89
C GLY B 75 19.59 14.06 28.80
N SER B 76 19.29 12.84 29.17
CA SER B 76 18.97 11.82 28.20
C SER B 76 17.86 10.89 28.67
N ILE B 77 17.25 10.17 27.72
CA ILE B 77 16.21 9.22 28.04
C ILE B 77 16.05 8.26 26.87
N VAL B 78 15.50 7.08 27.10
CA VAL B 78 15.09 6.18 26.04
C VAL B 78 13.56 6.03 26.13
N LEU B 79 12.85 6.26 25.00
CA LEU B 79 11.41 6.10 24.93
C LEU B 79 11.07 5.06 23.90
N GLN B 80 10.00 4.29 24.11
CA GLN B 80 9.61 3.27 23.14
C GLN B 80 9.36 3.92 21.78
N ALA B 81 10.07 3.43 20.76
CA ALA B 81 10.11 4.09 19.48
C ALA B 81 8.79 4.21 18.77
N ARG B 82 8.03 3.11 18.72
CA ARG B 82 6.77 3.11 17.96
C ARG B 82 5.75 4.04 18.57
N PHE B 83 5.60 3.98 19.91
CA PHE B 83 4.69 4.89 20.60
C PHE B 83 5.14 6.31 20.47
N PHE B 84 6.42 6.57 20.68
CA PHE B 84 6.91 7.95 20.53
C PHE B 84 6.64 8.52 19.14
N SER B 85 6.93 7.74 18.09
CA SER B 85 6.71 8.17 16.71
C SER B 85 5.27 8.45 16.40
N GLU B 86 4.35 7.60 16.91
CA GLU B 86 2.93 7.82 16.68
C GLU B 86 2.43 9.07 17.37
N ILE B 87 2.94 9.29 18.58
CA ILE B 87 2.56 10.48 19.32
C ILE B 87 3.03 11.75 18.64
N VAL B 88 4.36 11.84 18.34
CA VAL B 88 4.85 13.11 17.84
C VAL B 88 4.18 13.61 16.55
N LYS B 89 3.84 12.69 15.66
CA LYS B 89 3.17 13.02 14.39
C LYS B 89 1.83 13.73 14.64
N LYS B 90 1.14 13.40 15.76
CA LYS B 90 -0.23 13.88 16.03
C LYS B 90 -0.33 15.00 17.02
N LEU B 91 0.80 15.57 17.47
CA LEU B 91 0.72 16.63 18.46
C LEU B 91 0.03 17.89 17.89
N PRO B 92 -0.79 18.59 18.69
CA PRO B 92 -1.62 19.65 18.10
C PRO B 92 -1.00 20.97 17.75
N MET B 93 0.13 21.33 18.38
CA MET B 93 0.73 22.63 18.17
C MET B 93 2.11 22.49 17.54
N ALA B 94 2.62 23.59 16.99
CA ALA B 94 3.94 23.57 16.33
C ALA B 94 5.11 23.35 17.29
N THR B 95 4.90 23.58 18.56
CA THR B 95 5.89 23.49 19.64
C THR B 95 5.55 22.28 20.48
N VAL B 96 6.60 21.55 20.95
CA VAL B 96 6.46 20.36 21.78
C VAL B 96 7.41 20.47 22.94
N GLU B 97 6.95 20.16 24.13
CA GLU B 97 7.78 20.13 25.32
C GLU B 97 7.98 18.68 25.74
N ILE B 98 9.24 18.28 26.01
CA ILE B 98 9.59 16.96 26.48
C ILE B 98 10.29 17.16 27.80
N GLU B 99 9.83 16.48 28.83
CA GLU B 99 10.37 16.63 30.18
C GLU B 99 10.42 15.31 30.89
N VAL B 100 11.63 14.88 31.30
CA VAL B 100 11.78 13.68 32.09
C VAL B 100 11.60 14.10 33.55
N GLN B 101 10.84 13.31 34.32
CA GLN B 101 10.68 13.59 35.77
C GLN B 101 11.28 12.40 36.51
N ASN B 102 10.79 12.05 37.68
CA ASN B 102 11.37 10.96 38.45
CA ASN B 102 11.34 10.95 38.46
C ASN B 102 10.87 9.61 37.94
N GLN B 103 11.62 8.55 38.22
CA GLN B 103 11.32 7.19 37.80
C GLN B 103 11.29 7.10 36.27
N TYR B 104 12.01 8.00 35.58
CA TYR B 104 12.12 8.06 34.11
C TYR B 104 10.78 8.29 33.39
N LEU B 105 9.76 8.74 34.14
CA LEU B 105 8.42 9.01 33.57
C LEU B 105 8.57 10.29 32.80
N THR B 106 8.23 10.27 31.50
CA THR B 106 8.51 11.40 30.64
C THR B 106 7.26 12.02 30.09
N ILE B 107 7.17 13.35 30.20
CA ILE B 107 6.02 14.09 29.72
CA ILE B 107 6.05 14.13 29.72
C ILE B 107 6.32 14.54 28.29
N ILE B 108 5.32 14.47 27.41
CA ILE B 108 5.38 14.98 26.05
C ILE B 108 4.12 15.84 25.96
N ARG B 109 4.27 17.16 25.92
CA ARG B 109 3.16 18.11 25.93
C ARG B 109 3.18 18.99 24.67
N SER B 110 2.00 19.30 24.15
CA SER B 110 1.85 20.22 23.01
C SER B 110 0.43 20.76 23.11
N GLY B 111 0.31 22.06 23.27
CA GLY B 111 -0.98 22.66 23.52
C GLY B 111 -1.54 22.14 24.82
N LYS B 112 -2.80 21.67 24.80
CA LYS B 112 -3.44 21.13 25.99
C LYS B 112 -3.43 19.59 25.97
N ALA B 113 -2.62 18.92 25.09
CA ALA B 113 -2.47 17.47 25.08
C ALA B 113 -1.23 17.13 25.88
N GLU B 114 -1.36 16.21 26.82
CA GLU B 114 -0.21 15.80 27.63
C GLU B 114 -0.11 14.28 27.66
N PHE B 115 0.94 13.74 27.09
CA PHE B 115 1.24 12.32 27.15
C PHE B 115 2.29 12.09 28.21
N ASN B 116 2.25 10.91 28.83
CA ASN B 116 3.30 10.50 29.75
CA ASN B 116 3.27 10.44 29.78
C ASN B 116 3.73 9.12 29.29
N LEU B 117 5.04 8.89 29.12
CA LEU B 117 5.55 7.60 28.67
C LEU B 117 6.49 7.06 29.73
N ASN B 118 6.48 5.76 29.89
CA ASN B 118 7.47 5.07 30.73
C ASN B 118 8.84 5.03 30.04
N GLY B 119 9.75 5.92 30.45
CA GLY B 119 11.07 5.98 29.88
C GLY B 119 12.00 4.99 30.53
N LEU B 120 13.18 4.83 29.91
CA LEU B 120 14.21 3.93 30.38
C LEU B 120 15.50 4.70 30.47
N ASP B 121 16.36 4.28 31.38
CA ASP B 121 17.66 4.90 31.58
C ASP B 121 18.49 4.77 30.30
N ALA B 122 18.91 5.92 29.75
CA ALA B 122 19.67 5.98 28.51
C ALA B 122 21.06 5.46 28.67
N ASP B 123 21.58 5.36 29.93
CA ASP B 123 22.92 4.79 30.14
C ASP B 123 23.00 3.29 29.75
N GLU B 124 21.85 2.59 29.66
CA GLU B 124 21.79 1.19 29.20
C GLU B 124 21.78 1.09 27.67
N TYR B 125 21.64 2.20 26.95
CA TYR B 125 21.55 2.17 25.50
C TYR B 125 22.95 1.90 24.95
N PRO B 126 23.11 0.99 23.98
CA PRO B 126 24.47 0.72 23.44
C PRO B 126 25.17 1.95 22.85
N HIS B 127 26.48 1.96 22.89
CA HIS B 127 27.23 3.10 22.35
C HIS B 127 27.41 2.92 20.85
N LEU B 128 27.56 4.03 20.13
CA LEU B 128 27.79 3.99 18.69
C LEU B 128 29.26 3.68 18.43
N PRO B 129 29.61 3.26 17.21
CA PRO B 129 31.02 3.16 16.84
C PRO B 129 31.70 4.54 16.88
N GLN B 130 32.98 4.59 17.28
CA GLN B 130 33.72 5.86 17.42
C GLN B 130 34.74 5.93 16.31
N ILE B 131 34.27 6.23 15.09
CA ILE B 131 35.07 6.23 13.88
C ILE B 131 35.00 7.51 13.04
N GLU B 132 34.42 8.61 13.55
CA GLU B 132 34.29 9.88 12.81
C GLU B 132 35.60 10.55 12.33
N GLU B 133 36.79 10.14 12.84
CA GLU B 133 38.08 10.76 12.51
C GLU B 133 38.97 9.99 11.51
N HIS B 134 38.55 8.77 11.03
CA HIS B 134 39.35 8.04 10.05
C HIS B 134 39.14 8.67 8.67
N HIS B 135 39.98 8.32 7.67
CA HIS B 135 39.84 8.89 6.32
C HIS B 135 38.42 8.67 5.77
N ALA B 136 37.87 9.69 5.11
CA ALA B 136 36.58 9.60 4.46
C ALA B 136 36.74 9.67 2.94
N ILE B 137 35.79 9.10 2.26
CA ILE B 137 35.65 9.20 0.81
C ILE B 137 34.33 9.94 0.66
N GLN B 138 34.18 10.72 -0.40
CA GLN B 138 32.97 11.50 -0.63
C GLN B 138 32.29 11.04 -1.89
N ILE B 139 30.97 10.96 -1.85
CA ILE B 139 30.17 10.63 -3.02
C ILE B 139 28.96 11.56 -3.02
N PRO B 140 28.59 12.19 -4.16
CA PRO B 140 27.33 12.94 -4.21
C PRO B 140 26.15 12.06 -3.84
N THR B 141 25.16 12.61 -3.13
CA THR B 141 24.04 11.82 -2.68
C THR B 141 23.29 11.10 -3.80
N ASP B 142 23.05 11.77 -4.91
CA ASP B 142 22.30 11.18 -6.02
C ASP B 142 23.03 10.03 -6.63
N LEU B 143 24.36 10.14 -6.77
CA LEU B 143 25.14 9.04 -7.34
C LEU B 143 25.13 7.88 -6.37
N LEU B 144 25.25 8.16 -5.07
CA LEU B 144 25.20 7.10 -4.06
C LEU B 144 23.87 6.38 -4.11
N LYS B 145 22.76 7.14 -4.17
CA LYS B 145 21.46 6.47 -4.23
C LYS B 145 21.34 5.62 -5.47
N ASN B 146 21.89 6.08 -6.60
CA ASN B 146 21.77 5.31 -7.85
C ASN B 146 22.63 4.07 -7.79
N LEU B 147 23.85 4.15 -7.27
CA LEU B 147 24.65 2.94 -7.20
C LEU B 147 24.04 1.89 -6.29
N ILE B 148 23.33 2.31 -5.21
CA ILE B 148 22.61 1.35 -4.38
C ILE B 148 21.46 0.76 -5.18
N ARG B 149 20.69 1.60 -5.85
CA ARG B 149 19.53 1.15 -6.63
C ARG B 149 19.95 0.10 -7.67
N GLN B 150 21.10 0.32 -8.30
CA GLN B 150 21.56 -0.52 -9.41
C GLN B 150 22.30 -1.77 -8.97
N THR B 151 22.40 -2.03 -7.67
CA THR B 151 23.12 -3.20 -7.17
C THR B 151 22.39 -4.00 -6.10
N VAL B 152 21.75 -3.34 -5.15
CA VAL B 152 21.28 -4.07 -3.98
C VAL B 152 20.24 -5.14 -4.27
N PHE B 153 19.48 -4.97 -5.33
CA PHE B 153 18.48 -5.98 -5.68
C PHE B 153 19.07 -7.35 -6.00
N ALA B 154 20.37 -7.43 -6.38
CA ALA B 154 20.98 -8.70 -6.76
C ALA B 154 21.64 -9.48 -5.64
N VAL B 155 21.61 -8.99 -4.39
CA VAL B 155 22.18 -9.76 -3.31
C VAL B 155 21.33 -10.99 -3.02
N SER B 156 21.94 -11.96 -2.37
CA SER B 156 21.22 -13.15 -1.95
C SER B 156 20.33 -12.80 -0.75
N THR B 157 19.17 -13.47 -0.66
CA THR B 157 18.26 -13.39 0.49
C THR B 157 18.46 -14.67 1.34
N SER B 158 19.33 -15.61 0.89
CA SER B 158 19.59 -16.84 1.64
C SER B 158 20.75 -16.62 2.62
N GLU B 159 20.68 -17.29 3.78
CA GLU B 159 21.71 -17.22 4.81
C GLU B 159 22.70 -18.39 4.73
N THR B 160 22.61 -19.26 3.70
CA THR B 160 23.55 -20.39 3.53
C THR B 160 24.98 -19.87 3.29
N ARG B 161 25.10 -18.78 2.49
CA ARG B 161 26.38 -18.10 2.23
CA ARG B 161 26.37 -18.09 2.21
C ARG B 161 26.16 -16.62 2.58
N PRO B 162 26.29 -16.26 3.89
CA PRO B 162 26.03 -14.87 4.31
C PRO B 162 26.76 -13.75 3.58
N ILE B 163 27.98 -13.97 3.10
CA ILE B 163 28.70 -12.88 2.42
C ILE B 163 27.94 -12.37 1.19
N LEU B 164 27.15 -13.25 0.54
CA LEU B 164 26.40 -12.85 -0.64
C LEU B 164 25.18 -12.02 -0.34
N THR B 165 24.84 -11.82 0.96
CA THR B 165 23.72 -10.96 1.32
C THR B 165 24.14 -9.48 1.36
N GLY B 166 25.42 -9.21 1.08
CA GLY B 166 25.93 -7.85 1.03
C GLY B 166 26.53 -7.50 -0.30
N VAL B 167 26.74 -6.22 -0.50
CA VAL B 167 27.31 -5.68 -1.74
C VAL B 167 28.80 -5.47 -1.47
N ASN B 168 29.66 -6.00 -2.34
CA ASN B 168 31.07 -5.78 -2.20
C ASN B 168 31.39 -4.39 -2.72
N TRP B 169 32.06 -3.58 -1.90
CA TRP B 169 32.55 -2.26 -2.27
C TRP B 169 34.09 -2.36 -2.32
N LYS B 170 34.65 -2.22 -3.51
CA LYS B 170 36.10 -2.23 -3.74
C LYS B 170 36.51 -0.88 -4.30
N VAL B 171 37.41 -0.19 -3.57
CA VAL B 171 37.89 1.13 -3.93
C VAL B 171 39.36 0.96 -4.27
N GLU B 172 39.76 1.41 -5.46
CA GLU B 172 41.15 1.38 -5.88
C GLU B 172 41.37 2.43 -6.96
N GLN B 173 42.51 3.14 -6.92
CA GLN B 173 42.81 4.19 -7.89
C GLN B 173 41.66 5.17 -8.19
N SER B 174 41.10 5.72 -7.12
CA SER B 174 40.04 6.73 -7.17
CA SER B 174 40.04 6.73 -7.16
C SER B 174 38.76 6.27 -7.88
N GLU B 175 38.48 4.96 -7.87
CA GLU B 175 37.24 4.42 -8.45
CA GLU B 175 37.24 4.45 -8.44
C GLU B 175 36.63 3.38 -7.50
N LEU B 176 35.31 3.34 -7.46
CA LEU B 176 34.56 2.40 -6.62
C LEU B 176 33.96 1.37 -7.57
N LEU B 177 34.13 0.07 -7.27
CA LEU B 177 33.46 -1.03 -7.98
C LEU B 177 32.52 -1.72 -6.96
N CYS B 178 31.21 -1.74 -7.25
CA CYS B 178 30.22 -2.40 -6.39
C CYS B 178 29.80 -3.67 -7.10
N THR B 179 29.84 -4.80 -6.42
CA THR B 179 29.42 -6.09 -6.96
C THR B 179 28.39 -6.70 -6.02
N ALA B 180 27.31 -7.24 -6.60
CA ALA B 180 26.27 -7.94 -5.87
C ALA B 180 25.84 -9.14 -6.67
N THR B 181 25.69 -10.28 -6.02
CA THR B 181 25.21 -11.47 -6.70
C THR B 181 24.54 -12.40 -5.71
N ASP B 182 23.68 -13.26 -6.25
CA ASP B 182 23.01 -14.32 -5.49
C ASP B 182 23.35 -15.71 -6.11
N SER B 183 24.36 -15.78 -7.00
CA SER B 183 24.81 -16.96 -7.75
CA SER B 183 24.79 -16.99 -7.72
C SER B 183 23.96 -17.24 -8.99
N HIS B 184 22.83 -16.53 -9.16
CA HIS B 184 21.96 -16.67 -10.33
C HIS B 184 22.08 -15.46 -11.26
N ARG B 185 22.39 -14.29 -10.71
CA ARG B 185 22.52 -13.07 -11.49
C ARG B 185 23.44 -12.15 -10.74
N LEU B 186 24.01 -11.19 -11.42
CA LEU B 186 25.03 -10.33 -10.86
C LEU B 186 24.90 -8.92 -11.36
N ALA B 187 25.19 -7.96 -10.48
CA ALA B 187 25.18 -6.55 -10.84
C ALA B 187 26.56 -6.03 -10.52
N LEU B 188 27.12 -5.25 -11.44
CA LEU B 188 28.45 -4.63 -11.35
C LEU B 188 28.24 -3.15 -11.66
N ARG B 189 28.67 -2.25 -10.76
CA ARG B 189 28.48 -0.80 -10.92
C ARG B 189 29.79 -0.11 -10.63
N LYS B 190 30.29 0.68 -11.57
CA LYS B 190 31.53 1.45 -11.37
C LYS B 190 31.21 2.95 -11.21
N ALA B 191 31.92 3.61 -10.32
CA ALA B 191 31.75 5.05 -10.12
C ALA B 191 33.09 5.67 -9.88
N LYS B 192 33.36 6.79 -10.56
CA LYS B 192 34.60 7.53 -10.30
C LYS B 192 34.42 8.39 -9.05
N LEU B 193 35.45 8.41 -8.18
CA LEU B 193 35.47 9.18 -6.93
C LEU B 193 36.51 10.27 -7.06
N ASP B 194 36.34 11.40 -6.36
CA ASP B 194 37.33 12.49 -6.34
C ASP B 194 38.10 12.37 -5.02
N ILE B 195 38.99 11.37 -4.94
CA ILE B 195 39.81 11.06 -3.77
C ILE B 195 41.27 10.75 -4.16
N PRO B 196 42.24 10.78 -3.22
CA PRO B 196 43.62 10.42 -3.59
C PRO B 196 43.71 9.00 -4.16
N GLU B 197 44.59 8.78 -5.14
CA GLU B 197 44.73 7.48 -5.82
C GLU B 197 45.27 6.34 -4.96
N ASP B 198 45.99 6.62 -3.86
CA ASP B 198 46.57 5.55 -3.03
C ASP B 198 45.55 4.91 -2.04
N ARG B 199 44.38 5.55 -1.83
CA ARG B 199 43.32 5.03 -0.93
C ARG B 199 42.76 3.72 -1.49
N SER B 200 42.69 2.67 -0.62
CA SER B 200 42.25 1.33 -0.97
CA SER B 200 42.19 1.36 -0.99
C SER B 200 41.28 0.77 0.07
N TYR B 201 40.16 0.16 -0.37
CA TYR B 201 39.20 -0.48 0.55
C TYR B 201 38.61 -1.67 -0.15
N ASN B 202 38.21 -2.69 0.63
CA ASN B 202 37.53 -3.85 0.10
C ASN B 202 36.66 -4.39 1.20
N VAL B 203 35.35 -4.04 1.20
CA VAL B 203 34.44 -4.44 2.26
C VAL B 203 33.13 -4.95 1.68
N VAL B 204 32.28 -5.55 2.55
CA VAL B 204 30.99 -6.05 2.10
C VAL B 204 29.94 -5.44 3.00
N ILE B 205 29.02 -4.65 2.42
CA ILE B 205 28.01 -3.94 3.20
C ILE B 205 26.70 -4.68 3.03
N PRO B 206 26.01 -5.03 4.15
CA PRO B 206 24.72 -5.69 4.01
C PRO B 206 23.76 -4.95 3.08
N GLY B 207 23.09 -5.71 2.25
CA GLY B 207 22.13 -5.12 1.33
C GLY B 207 21.03 -4.39 2.09
N LYS B 208 20.52 -4.95 3.20
CA LYS B 208 19.45 -4.27 3.97
C LYS B 208 19.93 -2.91 4.46
N SER B 209 21.20 -2.82 4.91
CA SER B 209 21.73 -1.56 5.39
C SER B 209 21.69 -0.50 4.27
N LEU B 210 22.15 -0.83 3.07
CA LEU B 210 22.12 0.16 1.99
C LEU B 210 20.71 0.54 1.59
N THR B 211 19.74 -0.39 1.65
CA THR B 211 18.33 -0.08 1.33
CA THR B 211 18.36 0.00 1.30
C THR B 211 17.80 0.96 2.32
N GLU B 212 18.08 0.74 3.62
CA GLU B 212 17.60 1.69 4.63
C GLU B 212 18.31 3.02 4.51
N LEU B 213 19.64 2.99 4.24
CA LEU B 213 20.34 4.25 4.03
C LEU B 213 19.68 5.09 2.95
N SER B 214 19.36 4.48 1.80
CA SER B 214 18.79 5.24 0.71
CA SER B 214 18.79 5.23 0.69
C SER B 214 17.47 5.89 1.09
N LYS B 215 16.71 5.25 1.97
CA LYS B 215 15.44 5.87 2.42
C LYS B 215 15.61 7.14 3.20
N ILE B 216 16.76 7.42 3.82
CA ILE B 216 16.98 8.65 4.57
C ILE B 216 17.73 9.70 3.75
N LEU B 217 18.16 9.36 2.52
CA LEU B 217 18.89 10.32 1.69
C LEU B 217 17.92 11.01 0.74
N ASP B 218 18.06 12.33 0.59
CA ASP B 218 17.19 13.12 -0.27
C ASP B 218 17.71 13.16 -1.70
N ASP B 219 16.87 13.68 -2.61
CA ASP B 219 17.16 13.83 -4.03
C ASP B 219 17.96 15.12 -4.29
N ASN B 220 19.22 15.13 -3.88
CA ASN B 220 20.13 16.26 -4.08
C ASN B 220 21.52 15.73 -4.40
N GLN B 221 22.50 16.59 -4.57
CA GLN B 221 23.85 16.19 -4.92
C GLN B 221 24.85 16.55 -3.83
N GLU B 222 24.40 16.76 -2.57
CA GLU B 222 25.33 17.14 -1.50
C GLU B 222 26.24 15.94 -1.27
N LEU B 223 27.49 16.22 -0.92
CA LEU B 223 28.45 15.14 -0.66
C LEU B 223 28.13 14.40 0.64
N VAL B 224 28.18 13.07 0.55
CA VAL B 224 28.04 12.17 1.68
C VAL B 224 29.48 11.72 1.99
N ASP B 225 29.88 11.85 3.27
CA ASP B 225 31.17 11.35 3.73
C ASP B 225 31.01 9.91 4.12
N ILE B 226 31.90 9.03 3.62
CA ILE B 226 31.83 7.62 3.89
C ILE B 226 33.14 7.22 4.58
N VAL B 227 33.04 6.73 5.83
CA VAL B 227 34.22 6.32 6.59
C VAL B 227 34.16 4.83 6.71
N ILE B 228 35.14 4.14 6.13
CA ILE B 228 35.19 2.70 6.13
C ILE B 228 36.28 2.22 7.09
N THR B 229 35.93 1.32 8.01
CA THR B 229 36.87 0.68 8.91
C THR B 229 36.75 -0.83 8.66
N GLU B 230 37.44 -1.67 9.45
CA GLU B 230 37.36 -3.12 9.22
C GLU B 230 35.99 -3.72 9.50
N THR B 231 35.30 -3.26 10.55
CA THR B 231 34.03 -3.86 10.90
C THR B 231 32.84 -2.92 10.82
N GLN B 232 33.06 -1.64 10.54
CA GLN B 232 31.98 -0.66 10.45
C GLN B 232 32.16 0.28 9.28
N VAL B 233 31.02 0.79 8.75
CA VAL B 233 31.02 1.84 7.75
C VAL B 233 30.08 2.91 8.28
N LEU B 234 30.48 4.15 8.14
CA LEU B 234 29.67 5.31 8.52
C LEU B 234 29.40 6.16 7.31
N PHE B 235 28.13 6.50 7.09
CA PHE B 235 27.72 7.47 6.08
C PHE B 235 27.27 8.69 6.83
N LYS B 236 27.87 9.85 6.55
CA LYS B 236 27.55 11.14 7.19
C LYS B 236 26.94 12.08 6.17
N ALA B 237 25.75 12.55 6.45
CA ALA B 237 25.10 13.55 5.62
C ALA B 237 24.64 14.65 6.55
N LYS B 238 24.01 15.69 6.02
CA LYS B 238 23.63 16.84 6.86
C LYS B 238 22.80 16.40 8.09
N ASN B 239 23.35 16.57 9.28
CA ASN B 239 22.70 16.23 10.55
C ASN B 239 22.33 14.78 10.71
N VAL B 240 22.98 13.87 9.99
CA VAL B 240 22.61 12.47 10.16
C VAL B 240 23.85 11.61 10.03
N LEU B 241 23.93 10.60 10.90
CA LEU B 241 24.98 9.61 10.91
C LEU B 241 24.32 8.25 10.75
N PHE B 242 24.78 7.47 9.78
CA PHE B 242 24.23 6.17 9.50
C PHE B 242 25.36 5.18 9.60
N PHE B 243 25.30 4.24 10.56
CA PHE B 243 26.36 3.24 10.75
C PHE B 243 25.86 1.89 10.35
N SER B 244 26.74 1.08 9.72
CA SER B 244 26.39 -0.31 9.41
C SER B 244 27.59 -1.19 9.75
N ARG B 245 27.30 -2.34 10.35
CA ARG B 245 28.27 -3.39 10.56
C ARG B 245 28.59 -3.93 9.18
N LEU B 246 29.84 -4.33 8.96
CA LEU B 246 30.27 -4.91 7.69
C LEU B 246 30.27 -6.41 7.86
N LEU B 247 30.15 -7.14 6.76
CA LEU B 247 30.15 -8.61 6.80
C LEU B 247 31.57 -9.11 6.73
N ASP B 248 31.89 -10.12 7.55
CA ASP B 248 33.22 -10.70 7.62
C ASP B 248 33.38 -11.79 6.55
N GLY B 249 34.61 -11.94 6.05
CA GLY B 249 34.94 -12.95 5.06
C GLY B 249 35.44 -12.42 3.75
N ASN B 250 35.82 -13.35 2.86
CA ASN B 250 36.35 -13.00 1.54
C ASN B 250 35.18 -13.05 0.56
N TYR B 251 34.94 -11.95 -0.18
CA TYR B 251 33.84 -11.90 -1.16
C TYR B 251 34.34 -12.69 -2.37
N PRO B 252 33.54 -13.57 -3.00
CA PRO B 252 34.08 -14.38 -4.11
C PRO B 252 34.44 -13.58 -5.36
N ASP B 253 35.46 -14.05 -6.09
CA ASP B 253 35.87 -13.43 -7.34
C ASP B 253 34.84 -13.86 -8.40
N THR B 254 34.24 -12.91 -9.12
CA THR B 254 33.20 -13.18 -10.10
C THR B 254 33.64 -12.87 -11.54
N THR B 255 34.90 -12.49 -11.77
CA THR B 255 35.40 -12.18 -13.11
C THR B 255 35.21 -13.35 -14.08
N SER B 256 35.42 -14.60 -13.62
CA SER B 256 35.32 -15.78 -14.50
C SER B 256 33.89 -16.11 -14.97
N LEU B 257 32.84 -15.55 -14.30
CA LEU B 257 31.45 -15.77 -14.72
C LEU B 257 31.21 -15.16 -16.07
N ILE B 258 31.86 -14.02 -16.37
CA ILE B 258 31.69 -13.36 -17.65
C ILE B 258 32.39 -14.19 -18.74
N PRO B 259 31.66 -14.72 -19.74
CA PRO B 259 32.35 -15.45 -20.81
C PRO B 259 33.34 -14.53 -21.53
N GLN B 260 34.54 -15.06 -21.86
CA GLN B 260 35.56 -14.25 -22.52
C GLN B 260 35.08 -13.72 -23.87
N ASP B 261 34.33 -14.54 -24.62
CA ASP B 261 33.81 -14.16 -25.94
C ASP B 261 32.29 -14.31 -26.00
N SER B 262 31.63 -13.43 -26.77
CA SER B 262 30.19 -13.53 -27.04
C SER B 262 30.03 -14.09 -28.43
N LYS B 263 28.92 -14.77 -28.66
CA LYS B 263 28.56 -15.37 -29.94
C LYS B 263 27.41 -14.62 -30.62
N THR B 264 26.52 -13.96 -29.85
CA THR B 264 25.37 -13.23 -30.40
C THR B 264 25.33 -11.89 -29.65
N GLU B 265 25.11 -10.79 -30.38
CA GLU B 265 25.03 -9.45 -29.80
C GLU B 265 23.74 -8.82 -30.30
N ILE B 266 22.89 -8.29 -29.40
CA ILE B 266 21.65 -7.60 -29.74
C ILE B 266 21.73 -6.19 -29.22
N ILE B 267 21.22 -5.21 -29.98
CA ILE B 267 21.08 -3.83 -29.52
C ILE B 267 19.58 -3.60 -29.70
N VAL B 268 18.85 -3.22 -28.62
CA VAL B 268 17.38 -3.05 -28.64
CA VAL B 268 17.39 -3.05 -28.67
C VAL B 268 16.96 -1.90 -27.77
N ASN B 269 15.78 -1.31 -28.08
CA ASN B 269 15.18 -0.23 -27.29
C ASN B 269 14.85 -0.83 -25.93
N THR B 270 15.35 -0.20 -24.84
CA THR B 270 15.21 -0.70 -23.46
C THR B 270 13.77 -0.89 -23.06
N LYS B 271 12.98 0.18 -23.25
CA LYS B 271 11.57 0.22 -22.88
C LYS B 271 10.78 -0.84 -23.63
N GLU B 272 10.95 -0.96 -24.94
CA GLU B 272 10.20 -1.97 -25.72
C GLU B 272 10.57 -3.39 -25.26
N PHE B 273 11.86 -3.63 -25.00
CA PHE B 273 12.32 -4.93 -24.53
C PHE B 273 11.75 -5.24 -23.14
N LEU B 274 11.81 -4.28 -22.21
CA LEU B 274 11.27 -4.45 -20.87
C LEU B 274 9.77 -4.74 -20.93
N GLN B 275 9.05 -3.97 -21.74
CA GLN B 275 7.58 -4.13 -21.85
C GLN B 275 7.18 -5.49 -22.42
N ALA B 276 7.96 -6.01 -23.38
CA ALA B 276 7.70 -7.32 -23.98
C ALA B 276 8.01 -8.44 -22.98
N ILE B 277 9.15 -8.35 -22.25
CA ILE B 277 9.43 -9.40 -21.26
CA ILE B 277 9.49 -9.35 -21.20
C ILE B 277 8.39 -9.36 -20.14
N ASP B 278 7.90 -8.17 -19.75
CA ASP B 278 6.85 -8.04 -18.74
C ASP B 278 5.57 -8.73 -19.24
N ARG B 279 5.17 -8.49 -20.50
CA ARG B 279 4.01 -9.21 -21.06
C ARG B 279 4.22 -10.69 -21.09
N ALA B 280 5.45 -11.15 -21.48
CA ALA B 280 5.71 -12.58 -21.52
C ALA B 280 5.69 -13.24 -20.14
N SER B 281 5.84 -12.48 -19.06
CA SER B 281 5.85 -13.03 -17.72
C SER B 281 4.45 -13.19 -17.10
N LEU B 282 3.38 -12.76 -17.79
CA LEU B 282 2.06 -12.71 -17.19
C LEU B 282 1.33 -14.03 -17.05
N LEU B 283 1.76 -15.13 -17.67
CA LEU B 283 1.03 -16.39 -17.54
C LEU B 283 1.66 -17.34 -16.53
N ALA B 284 2.37 -16.79 -15.51
CA ALA B 284 3.00 -17.58 -14.46
C ALA B 284 1.96 -18.32 -13.65
N ARG B 285 2.26 -19.59 -13.30
CA ARG B 285 1.40 -20.45 -12.49
C ARG B 285 2.17 -20.83 -11.22
N GLU B 286 1.57 -20.59 -10.04
CA GLU B 286 2.22 -20.95 -8.77
C GLU B 286 2.12 -22.48 -8.58
N GLY B 287 3.17 -23.17 -8.11
CA GLY B 287 4.48 -22.64 -7.69
C GLY B 287 5.58 -22.93 -8.69
N ARG B 288 5.25 -22.89 -10.00
CA ARG B 288 6.22 -23.18 -11.07
C ARG B 288 7.02 -21.93 -11.38
N ASN B 289 8.32 -22.10 -11.67
CA ASN B 289 9.20 -20.96 -11.97
C ASN B 289 8.80 -20.38 -13.33
N ASN B 290 8.67 -19.05 -13.39
CA ASN B 290 8.30 -18.38 -14.63
C ASN B 290 9.53 -18.47 -15.54
N VAL B 291 9.33 -18.85 -16.80
CA VAL B 291 10.40 -18.96 -17.80
C VAL B 291 9.94 -18.24 -19.06
N VAL B 292 10.83 -17.43 -19.63
CA VAL B 292 10.59 -16.73 -20.89
C VAL B 292 11.72 -17.14 -21.82
N LYS B 293 11.42 -17.23 -23.12
CA LYS B 293 12.34 -17.61 -24.16
C LYS B 293 12.55 -16.43 -25.10
N LEU B 294 13.78 -16.30 -25.58
CA LEU B 294 14.16 -15.28 -26.55
C LEU B 294 14.80 -16.02 -27.71
N SER B 295 14.33 -15.76 -28.93
CA SER B 295 14.89 -16.32 -30.15
C SER B 295 15.38 -15.16 -30.97
N ALA B 296 16.64 -15.19 -31.40
CA ALA B 296 17.23 -14.10 -32.17
C ALA B 296 18.03 -14.65 -33.35
N LYS B 297 17.86 -14.02 -34.50
CA LYS B 297 18.60 -14.37 -35.72
C LYS B 297 18.89 -13.06 -36.47
N PRO B 298 20.11 -12.85 -37.03
CA PRO B 298 20.37 -11.59 -37.77
C PRO B 298 19.36 -11.29 -38.89
N ALA B 299 19.11 -10.00 -39.15
CA ALA B 299 18.18 -9.45 -40.13
C ALA B 299 16.72 -9.63 -39.69
N GLU B 300 16.45 -9.29 -38.41
CA GLU B 300 15.15 -9.31 -37.72
C GLU B 300 14.47 -10.68 -37.61
N SER B 301 13.46 -10.86 -36.73
CA SER B 301 12.96 -9.96 -35.65
C SER B 301 13.19 -10.77 -34.37
N ILE B 302 13.40 -10.11 -33.22
CA ILE B 302 13.56 -10.87 -31.97
C ILE B 302 12.20 -11.41 -31.65
N GLU B 303 12.11 -12.65 -31.16
CA GLU B 303 10.84 -13.24 -30.74
C GLU B 303 10.91 -13.61 -29.25
N ILE B 304 10.04 -12.98 -28.43
CA ILE B 304 9.94 -13.25 -27.01
C ILE B 304 8.75 -14.14 -26.88
N SER B 305 8.84 -15.19 -26.06
CA SER B 305 7.72 -16.08 -25.88
C SER B 305 7.69 -16.76 -24.53
N SER B 306 6.53 -17.31 -24.21
CA SER B 306 6.34 -18.08 -22.99
CA SER B 306 6.34 -18.11 -23.01
C SER B 306 5.13 -18.99 -23.18
N ASN B 307 5.13 -20.15 -22.53
CA ASN B 307 4.07 -21.13 -22.65
C ASN B 307 3.70 -21.58 -21.25
N SER B 308 2.40 -21.58 -20.94
CA SER B 308 1.94 -22.02 -19.65
C SER B 308 0.88 -23.05 -19.91
N PRO B 309 1.24 -24.34 -19.89
CA PRO B 309 0.27 -25.39 -20.15
C PRO B 309 -1.05 -25.24 -19.38
N GLU B 310 -2.18 -25.40 -20.09
CA GLU B 310 -3.53 -25.29 -19.58
C GLU B 310 -3.99 -23.84 -19.35
N ILE B 311 -3.11 -22.82 -19.45
CA ILE B 311 -3.43 -21.39 -19.27
C ILE B 311 -3.38 -20.67 -20.61
N GLY B 312 -2.24 -20.73 -21.26
CA GLY B 312 -2.07 -20.08 -22.54
C GLY B 312 -0.63 -19.98 -22.94
N LYS B 313 -0.39 -19.06 -23.86
CA LYS B 313 0.94 -18.77 -24.33
C LYS B 313 1.00 -17.35 -24.83
N VAL B 314 2.23 -16.89 -25.07
CA VAL B 314 2.41 -15.56 -25.60
C VAL B 314 3.61 -15.52 -26.48
N VAL B 315 3.52 -14.72 -27.55
N VAL B 315 3.52 -14.72 -27.54
CA VAL B 315 4.59 -14.52 -28.53
CA VAL B 315 4.61 -14.44 -28.45
C VAL B 315 4.59 -13.03 -28.91
C VAL B 315 4.61 -12.94 -28.69
N GLU B 316 5.77 -12.38 -28.91
CA GLU B 316 5.88 -10.98 -29.27
C GLU B 316 7.12 -10.72 -30.07
N ALA B 317 6.97 -10.02 -31.19
CA ALA B 317 8.07 -9.65 -32.06
C ALA B 317 8.57 -8.26 -31.66
N ILE B 318 9.88 -8.09 -31.68
CA ILE B 318 10.53 -6.79 -31.40
C ILE B 318 11.51 -6.55 -32.54
N VAL B 319 11.53 -5.31 -33.04
CA VAL B 319 12.46 -4.92 -34.10
C VAL B 319 13.69 -4.42 -33.39
N ALA B 320 14.79 -5.13 -33.53
CA ALA B 320 16.06 -4.74 -32.90
C ALA B 320 16.71 -3.68 -33.73
N ASP B 321 17.59 -2.88 -33.13
CA ASP B 321 18.35 -1.90 -33.88
C ASP B 321 19.48 -2.64 -34.57
N GLN B 322 20.02 -3.68 -33.91
CA GLN B 322 21.12 -4.46 -34.46
C GLN B 322 21.15 -5.88 -33.86
N ILE B 323 21.42 -6.88 -34.72
CA ILE B 323 21.61 -8.28 -34.33
C ILE B 323 22.83 -8.78 -35.11
N GLU B 324 23.86 -9.22 -34.38
CA GLU B 324 25.08 -9.74 -34.99
C GLU B 324 25.44 -11.06 -34.33
N GLY B 325 25.95 -12.00 -35.13
CA GLY B 325 26.39 -13.29 -34.62
C GLY B 325 25.46 -14.46 -34.88
N GLU B 326 25.56 -15.47 -34.01
CA GLU B 326 24.83 -16.73 -34.14
C GLU B 326 23.34 -16.63 -33.87
N GLU B 327 22.58 -17.58 -34.44
CA GLU B 327 21.17 -17.72 -34.16
C GLU B 327 21.12 -18.23 -32.73
N LEU B 328 20.16 -17.74 -31.95
CA LEU B 328 20.10 -18.12 -30.55
C LEU B 328 18.70 -18.30 -30.12
N ASN B 329 18.47 -19.36 -29.33
CA ASN B 329 17.23 -19.68 -28.61
C ASN B 329 17.68 -19.85 -27.16
N ILE B 330 17.24 -18.95 -26.27
CA ILE B 330 17.68 -19.00 -24.86
C ILE B 330 16.52 -18.76 -23.95
N SER B 331 16.52 -19.42 -22.79
CA SER B 331 15.45 -19.25 -21.81
C SER B 331 16.02 -18.66 -20.52
N PHE B 332 15.18 -17.86 -19.82
CA PHE B 332 15.65 -17.24 -18.59
C PHE B 332 14.49 -16.85 -17.72
N SER B 333 14.81 -16.45 -16.50
CA SER B 333 13.84 -16.01 -15.51
C SER B 333 13.42 -14.61 -15.86
N PRO B 334 12.12 -14.33 -16.08
CA PRO B 334 11.74 -12.94 -16.36
C PRO B 334 11.96 -12.02 -15.15
N LYS B 335 11.91 -12.56 -13.93
CA LYS B 335 12.13 -11.78 -12.70
C LYS B 335 13.54 -11.21 -12.74
N TYR B 336 14.54 -12.05 -13.07
CA TYR B 336 15.91 -11.52 -13.14
C TYR B 336 16.12 -10.53 -14.25
N MET B 337 15.58 -10.80 -15.43
CA MET B 337 15.66 -9.90 -16.55
C MET B 337 14.98 -8.56 -16.25
N LEU B 338 13.76 -8.58 -15.68
CA LEU B 338 13.09 -7.32 -15.39
C LEU B 338 13.83 -6.55 -14.30
N ASP B 339 14.33 -7.23 -13.26
CA ASP B 339 15.12 -6.54 -12.22
C ASP B 339 16.28 -5.79 -12.88
N ALA B 340 16.98 -6.44 -13.82
CA ALA B 340 18.12 -5.84 -14.50
C ALA B 340 17.75 -4.69 -15.41
N LEU B 341 16.66 -4.85 -16.20
CA LEU B 341 16.30 -3.82 -17.16
C LEU B 341 15.78 -2.56 -16.48
N LYS B 342 15.14 -2.73 -15.33
CA LYS B 342 14.59 -1.60 -14.57
C LYS B 342 15.61 -0.65 -14.01
N VAL B 343 16.90 -1.06 -13.93
CA VAL B 343 17.95 -0.20 -13.38
C VAL B 343 18.81 0.45 -14.44
N LEU B 344 18.57 0.15 -15.73
CA LEU B 344 19.30 0.73 -16.83
C LEU B 344 18.60 1.98 -17.29
N GLU B 345 19.39 3.03 -17.56
CA GLU B 345 18.85 4.36 -17.86
C GLU B 345 18.97 4.80 -19.31
N GLY B 346 19.65 4.03 -20.13
CA GLY B 346 19.80 4.35 -21.54
C GLY B 346 18.56 4.02 -22.34
N ALA B 347 18.39 4.71 -23.48
CA ALA B 347 17.27 4.46 -24.40
C ALA B 347 17.43 3.08 -25.04
N GLU B 348 18.68 2.58 -25.16
CA GLU B 348 18.98 1.28 -25.72
C GLU B 348 19.86 0.47 -24.77
N ILE B 349 19.89 -0.85 -24.99
CA ILE B 349 20.75 -1.75 -24.24
C ILE B 349 21.45 -2.64 -25.23
N ARG B 350 22.60 -3.18 -24.83
CA ARG B 350 23.34 -4.16 -25.58
C ARG B 350 23.18 -5.44 -24.77
N VAL B 351 22.70 -6.52 -25.40
CA VAL B 351 22.58 -7.83 -24.74
C VAL B 351 23.53 -8.79 -25.48
N SER B 352 24.52 -9.35 -24.75
CA SER B 352 25.56 -10.22 -25.30
CA SER B 352 25.53 -10.24 -25.34
C SER B 352 25.40 -11.65 -24.77
N PHE B 353 25.35 -12.64 -25.65
CA PHE B 353 25.15 -14.03 -25.29
C PHE B 353 26.26 -14.91 -25.79
N THR B 354 26.46 -16.07 -25.14
CA THR B 354 27.45 -17.08 -25.53
C THR B 354 26.71 -18.41 -25.52
N GLY B 355 25.75 -18.56 -26.43
CA GLY B 355 24.92 -19.75 -26.48
C GLY B 355 23.82 -19.76 -25.44
N ALA B 356 23.10 -20.86 -25.34
CA ALA B 356 21.97 -20.99 -24.44
C ALA B 356 22.29 -21.36 -23.01
N MET B 357 23.49 -21.90 -22.72
CA MET B 357 23.80 -22.39 -21.37
C MET B 357 24.67 -21.45 -20.57
N ARG B 358 25.33 -20.47 -21.19
CA ARG B 358 26.29 -19.64 -20.46
C ARG B 358 25.64 -18.31 -20.07
N PRO B 359 26.24 -17.60 -19.09
CA PRO B 359 25.66 -16.30 -18.68
C PRO B 359 25.66 -15.30 -19.81
N PHE B 360 24.66 -14.40 -19.80
CA PHE B 360 24.57 -13.32 -20.79
C PHE B 360 24.63 -12.00 -20.04
N LEU B 361 25.07 -10.97 -20.73
CA LEU B 361 25.31 -9.66 -20.14
C LEU B 361 24.35 -8.65 -20.70
N ILE B 362 23.97 -7.68 -19.89
CA ILE B 362 23.14 -6.55 -20.28
C ILE B 362 23.95 -5.31 -19.91
N ARG B 363 24.20 -4.46 -20.91
CA ARG B 363 24.94 -3.22 -20.74
C ARG B 363 24.29 -2.11 -21.56
N THR B 364 24.69 -0.86 -21.29
CA THR B 364 24.27 0.27 -22.12
C THR B 364 25.32 0.37 -23.22
N PRO B 365 24.97 0.60 -24.50
CA PRO B 365 26.03 0.65 -25.51
C PRO B 365 27.09 1.73 -25.26
N ASN B 366 28.36 1.40 -25.53
CA ASN B 366 29.51 2.31 -25.36
C ASN B 366 29.73 2.70 -23.90
N ASP B 367 29.51 1.74 -22.97
CA ASP B 367 29.66 2.00 -21.54
C ASP B 367 29.84 0.67 -20.76
N GLU B 368 30.80 0.63 -19.83
CA GLU B 368 31.07 -0.54 -19.00
C GLU B 368 30.87 -0.19 -17.51
N THR B 369 30.22 0.95 -17.19
CA THR B 369 30.05 1.33 -15.80
C THR B 369 28.90 0.62 -15.10
N ILE B 370 27.97 -0.02 -15.86
CA ILE B 370 26.86 -0.80 -15.30
C ILE B 370 26.87 -2.11 -16.09
N VAL B 371 27.08 -3.24 -15.43
CA VAL B 371 27.05 -4.54 -16.09
C VAL B 371 26.11 -5.40 -15.32
N GLN B 372 25.09 -5.96 -15.99
CA GLN B 372 24.13 -6.87 -15.38
C GLN B 372 24.36 -8.24 -16.03
N LEU B 373 24.51 -9.32 -15.24
CA LEU B 373 24.78 -10.67 -15.79
C LEU B 373 23.74 -11.60 -15.26
N ILE B 374 23.19 -12.47 -16.11
CA ILE B 374 22.16 -13.43 -15.70
C ILE B 374 22.51 -14.80 -16.23
N LEU B 375 22.37 -15.83 -15.39
CA LEU B 375 22.54 -17.23 -15.82
C LEU B 375 21.19 -17.64 -16.43
N PRO B 376 21.21 -18.19 -17.64
CA PRO B 376 19.97 -18.70 -18.25
C PRO B 376 19.45 -19.98 -17.58
N VAL B 377 18.20 -20.32 -17.91
CA VAL B 377 17.53 -21.52 -17.45
C VAL B 377 18.01 -22.63 -18.32
N ARG B 378 18.53 -23.68 -17.70
CA ARG B 378 19.01 -24.87 -18.41
C ARG B 378 17.80 -25.64 -18.89
N THR B 379 17.81 -26.00 -20.17
CA THR B 379 16.80 -26.84 -20.80
C THR B 379 17.55 -28.12 -21.16
N TYR B 380 16.80 -29.23 -21.31
CA TYR B 380 17.36 -30.54 -21.60
C TYR B 380 16.67 -31.17 -22.80
NA NA C . 14.22 14.20 5.73
#